data_2AY7
#
_entry.id   2AY7
#
_cell.length_a   124.080
_cell.length_b   121.790
_cell.length_c   55.210
_cell.angle_alpha   90.00
_cell.angle_beta   90.00
_cell.angle_gamma   90.00
#
_symmetry.space_group_name_H-M   'P 21 21 21'
#
loop_
_entity.id
_entity.type
_entity.pdbx_description
1 polymer 'AROMATIC AMINO ACID AMINOTRANSFERASE'
2 non-polymer "PYRIDOXAL-5'-PHOSPHATE"
3 non-polymer '4-PHENYL-BUTANOIC ACID'
4 water water
#
_entity_poly.entity_id   1
_entity_poly.type   'polypeptide(L)'
_entity_poly.pdbx_seq_one_letter_code
;MLGNLKPQAPDKILALMGEFRADPRQGKIDLGVGVYKDATGHTPIMRAVHAAEQRMLETETTKTYAGLSGEPEFQKAMGE
LILGDGLKSETTATLATVGGTGALRQALELARMANPDLRVFVSDPTWPNHVSIMNFMGLPVQTYRYFDAETRGVDFEGMK
ADLAAAKKGDMVLLHGCCHNPTGANLTLDQWAEIASILEKTGALPLIDLAYQGFGDGLEEDAAGTRLIASRIPEVLIAAS
CSKNFGIYRERTGCLLALCADAATRELAQGAMAFLNRQTYSFPPFHGAKIVSTVLTTPELRADWMAELEAVRSGMLRLRE
QLAGELRDLSGSDRFGFVAEHRGMFSRLGATPEQVKRIKEEFGIYMVGDSRINIAGLNDNTIPILARAIIEVGV
;
_entity_poly.pdbx_strand_id   A,B
#
# COMPACT_ATOMS: atom_id res chain seq x y z
N MET A 1 -26.32 6.96 -0.06
CA MET A 1 -25.39 7.72 -0.95
C MET A 1 -24.60 6.80 -1.85
N LEU A 2 -24.08 5.70 -1.30
CA LEU A 2 -23.29 4.75 -2.06
C LEU A 2 -24.02 4.13 -3.26
N GLY A 3 -25.34 4.33 -3.30
CA GLY A 3 -26.11 3.81 -4.43
C GLY A 3 -25.84 4.60 -5.69
N ASN A 4 -25.20 5.76 -5.53
CA ASN A 4 -24.86 6.64 -6.65
C ASN A 4 -23.52 6.24 -7.25
N LEU A 5 -23.00 5.09 -6.83
CA LEU A 5 -21.73 4.60 -7.33
C LEU A 5 -21.86 4.08 -8.75
N LYS A 6 -20.80 4.26 -9.54
CA LYS A 6 -20.79 3.79 -10.92
C LYS A 6 -20.31 2.34 -10.87
N PRO A 7 -20.94 1.45 -11.66
CA PRO A 7 -20.51 0.05 -11.66
C PRO A 7 -19.10 -0.01 -12.25
N GLN A 8 -18.15 -0.50 -11.47
CA GLN A 8 -16.76 -0.61 -11.91
C GLN A 8 -16.56 -2.01 -12.42
N ALA A 9 -15.93 -2.11 -13.59
CA ALA A 9 -15.68 -3.39 -14.21
C ALA A 9 -14.69 -4.25 -13.44
N PRO A 10 -14.85 -5.58 -13.50
CA PRO A 10 -13.99 -6.54 -12.81
C PRO A 10 -12.57 -6.48 -13.39
N ASP A 11 -11.66 -7.23 -12.79
CA ASP A 11 -10.26 -7.25 -13.23
C ASP A 11 -10.01 -8.09 -14.49
N LYS A 12 -11.03 -8.78 -14.97
CA LYS A 12 -10.96 -9.63 -16.18
C LYS A 12 -10.12 -10.90 -16.03
N ILE A 13 -9.02 -10.81 -15.30
CA ILE A 13 -8.14 -11.95 -15.07
C ILE A 13 -8.96 -13.10 -14.47
N LEU A 14 -9.91 -12.75 -13.61
CA LEU A 14 -10.77 -13.74 -12.98
C LEU A 14 -11.67 -14.39 -14.02
N ALA A 15 -12.20 -13.59 -14.93
CA ALA A 15 -13.08 -14.08 -15.98
C ALA A 15 -12.34 -15.06 -16.89
N LEU A 16 -11.05 -14.83 -17.06
CA LEU A 16 -10.21 -15.70 -17.89
C LEU A 16 -10.18 -17.08 -17.22
N MET A 17 -9.81 -17.11 -15.94
CA MET A 17 -9.74 -18.37 -15.19
C MET A 17 -11.13 -18.97 -15.01
N GLY A 18 -12.16 -18.13 -15.12
CA GLY A 18 -13.51 -18.60 -14.99
C GLY A 18 -13.87 -19.59 -16.07
N GLU A 19 -13.64 -19.20 -17.33
CA GLU A 19 -13.95 -20.07 -18.46
C GLU A 19 -13.03 -21.28 -18.49
N PHE A 20 -11.76 -21.07 -18.14
CA PHE A 20 -10.79 -22.16 -18.13
C PHE A 20 -11.22 -23.30 -17.21
N ARG A 21 -11.54 -22.96 -15.96
CA ARG A 21 -11.97 -23.96 -14.98
C ARG A 21 -13.22 -24.69 -15.45
N ALA A 22 -14.12 -23.96 -16.09
CA ALA A 22 -15.37 -24.55 -16.59
C ALA A 22 -15.12 -25.54 -17.72
N ASP A 23 -13.93 -25.48 -18.33
CA ASP A 23 -13.59 -26.36 -19.43
C ASP A 23 -13.47 -27.82 -18.99
N PRO A 24 -14.34 -28.70 -19.52
CA PRO A 24 -14.33 -30.13 -19.19
C PRO A 24 -13.22 -30.93 -19.86
N ARG A 25 -12.45 -30.27 -20.73
CA ARG A 25 -11.36 -30.95 -21.42
C ARG A 25 -10.18 -31.27 -20.51
N GLN A 26 -9.83 -32.54 -20.44
CA GLN A 26 -8.75 -33.04 -19.61
C GLN A 26 -7.37 -32.50 -20.01
N GLY A 27 -7.18 -32.23 -21.30
CA GLY A 27 -5.89 -31.72 -21.77
C GLY A 27 -5.80 -30.23 -22.03
N LYS A 28 -6.63 -29.43 -21.37
CA LYS A 28 -6.60 -27.98 -21.55
C LYS A 28 -5.29 -27.39 -21.03
N ILE A 29 -4.86 -26.29 -21.65
CA ILE A 29 -3.61 -25.61 -21.27
C ILE A 29 -3.91 -24.15 -20.96
N ASP A 30 -3.20 -23.59 -19.99
CA ASP A 30 -3.38 -22.19 -19.61
C ASP A 30 -2.10 -21.38 -19.81
N LEU A 31 -2.05 -20.64 -20.92
CA LEU A 31 -0.88 -19.81 -21.23
C LEU A 31 -1.17 -18.34 -20.94
N GLY A 32 -2.28 -18.08 -20.25
CA GLY A 32 -2.66 -16.71 -19.92
C GLY A 32 -2.19 -16.28 -18.55
N VAL A 33 -1.61 -17.18 -17.77
CA VAL A 33 -1.11 -16.84 -16.44
C VAL A 33 -0.13 -15.68 -16.52
N GLY A 34 -0.15 -14.81 -15.52
CA GLY A 34 0.75 -13.67 -15.53
C GLY A 34 1.93 -13.76 -14.58
N VAL A 35 1.97 -14.82 -13.78
CA VAL A 35 3.05 -15.02 -12.84
C VAL A 35 3.89 -16.20 -13.31
N TYR A 36 5.08 -16.36 -12.74
CA TYR A 36 5.95 -17.46 -13.12
C TYR A 36 5.52 -18.79 -12.49
N LYS A 37 5.70 -19.88 -13.23
CA LYS A 37 5.36 -21.22 -12.76
C LYS A 37 6.48 -22.18 -13.13
N ASP A 38 6.83 -23.06 -12.21
CA ASP A 38 7.90 -24.03 -12.47
C ASP A 38 7.39 -25.22 -13.27
N ALA A 39 8.22 -26.24 -13.40
CA ALA A 39 7.88 -27.45 -14.16
C ALA A 39 6.63 -28.15 -13.66
N THR A 40 6.38 -28.06 -12.35
CA THR A 40 5.24 -28.70 -11.73
C THR A 40 4.00 -27.80 -11.64
N GLY A 41 4.06 -26.65 -12.29
CA GLY A 41 2.93 -25.73 -12.28
C GLY A 41 2.72 -25.05 -10.94
N HIS A 42 3.80 -24.59 -10.33
CA HIS A 42 3.73 -23.91 -9.04
C HIS A 42 4.58 -22.64 -9.09
N THR A 43 4.26 -21.69 -8.20
CA THR A 43 5.01 -20.45 -8.09
C THR A 43 5.69 -20.57 -6.72
N PRO A 44 6.83 -21.26 -6.68
CA PRO A 44 7.59 -21.48 -5.44
C PRO A 44 8.12 -20.22 -4.77
N ILE A 45 8.52 -20.37 -3.52
CA ILE A 45 9.10 -19.26 -2.77
C ILE A 45 10.59 -19.48 -2.97
N MET A 46 11.27 -18.48 -3.52
CA MET A 46 12.70 -18.57 -3.75
C MET A 46 13.44 -18.94 -2.46
N ARG A 47 14.42 -19.84 -2.57
CA ARG A 47 15.20 -20.30 -1.42
C ARG A 47 15.73 -19.18 -0.53
N ALA A 48 16.38 -18.20 -1.15
CA ALA A 48 16.95 -17.06 -0.43
C ALA A 48 15.87 -16.33 0.36
N VAL A 49 14.68 -16.20 -0.23
CA VAL A 49 13.56 -15.53 0.42
C VAL A 49 13.10 -16.27 1.68
N HIS A 50 13.06 -17.59 1.63
CA HIS A 50 12.67 -18.38 2.78
C HIS A 50 13.75 -18.29 3.87
N ALA A 51 14.99 -18.05 3.44
CA ALA A 51 16.12 -17.93 4.36
C ALA A 51 16.07 -16.57 5.07
N ALA A 52 15.75 -15.53 4.31
CA ALA A 52 15.65 -14.19 4.85
C ALA A 52 14.53 -14.13 5.89
N GLU A 53 13.39 -14.75 5.58
CA GLU A 53 12.25 -14.77 6.50
C GLU A 53 12.57 -15.52 7.80
N GLN A 54 13.48 -16.49 7.74
CA GLN A 54 13.86 -17.23 8.93
C GLN A 54 14.72 -16.35 9.82
N ARG A 55 15.66 -15.63 9.21
CA ARG A 55 16.55 -14.76 9.96
C ARG A 55 15.81 -13.58 10.58
N MET A 56 14.85 -13.03 9.83
CA MET A 56 14.05 -11.90 10.30
C MET A 56 13.23 -12.31 11.51
N LEU A 57 12.73 -13.54 11.49
CA LEU A 57 11.93 -14.09 12.58
C LEU A 57 12.72 -14.20 13.88
N GLU A 58 14.02 -14.43 13.77
CA GLU A 58 14.88 -14.57 14.92
C GLU A 58 15.47 -13.26 15.42
N THR A 59 15.74 -12.33 14.51
CA THR A 59 16.35 -11.07 14.90
C THR A 59 15.45 -9.89 15.19
N GLU A 60 14.28 -9.82 14.54
CA GLU A 60 13.39 -8.69 14.78
C GLU A 60 12.87 -8.74 16.21
N THR A 61 12.99 -7.60 16.90
CA THR A 61 12.56 -7.50 18.28
C THR A 61 11.34 -6.60 18.48
N THR A 62 11.02 -5.81 17.45
CA THR A 62 9.89 -4.89 17.49
C THR A 62 9.29 -4.74 16.10
N LYS A 63 8.10 -4.13 16.05
CA LYS A 63 7.39 -3.88 14.81
C LYS A 63 6.86 -2.44 14.81
N THR A 64 7.52 -1.57 15.55
CA THR A 64 7.12 -0.17 15.65
C THR A 64 7.25 0.49 14.29
N TYR A 65 6.66 1.66 14.15
CA TYR A 65 6.75 2.42 12.90
C TYR A 65 8.23 2.61 12.54
N ALA A 66 8.52 2.55 11.25
CA ALA A 66 9.88 2.69 10.77
C ALA A 66 9.96 3.81 9.76
N GLY A 67 10.78 3.65 8.72
CA GLY A 67 10.92 4.70 7.73
C GLY A 67 9.70 5.05 6.92
N LEU A 68 9.38 6.34 6.86
CA LEU A 68 8.25 6.85 6.10
C LEU A 68 8.48 6.65 4.60
N SER A 69 9.74 6.85 4.16
CA SER A 69 10.13 6.68 2.76
C SER A 69 10.77 5.32 2.53
N GLY A 70 10.76 4.50 3.58
CA GLY A 70 11.37 3.20 3.51
C GLY A 70 12.63 3.17 4.35
N GLU A 71 13.24 2.01 4.48
CA GLU A 71 14.46 1.87 5.25
C GLU A 71 15.68 2.06 4.36
N PRO A 72 16.74 2.70 4.89
CA PRO A 72 17.98 2.96 4.16
C PRO A 72 18.62 1.74 3.50
N GLU A 73 18.66 0.62 4.23
CA GLU A 73 19.25 -0.61 3.71
C GLU A 73 18.57 -1.01 2.40
N PHE A 74 17.25 -0.88 2.35
CA PHE A 74 16.49 -1.24 1.17
C PHE A 74 16.73 -0.26 0.03
N GLN A 75 16.63 1.03 0.33
CA GLN A 75 16.84 2.08 -0.66
C GLN A 75 18.20 1.99 -1.33
N LYS A 76 19.25 1.83 -0.53
CA LYS A 76 20.60 1.75 -1.07
C LYS A 76 20.83 0.45 -1.85
N ALA A 77 20.41 -0.66 -1.28
CA ALA A 77 20.58 -1.95 -1.94
C ALA A 77 19.84 -1.98 -3.28
N MET A 78 18.67 -1.35 -3.31
CA MET A 78 17.87 -1.31 -4.54
C MET A 78 18.49 -0.39 -5.58
N GLY A 79 18.91 0.79 -5.15
CA GLY A 79 19.54 1.71 -6.07
C GLY A 79 20.79 1.09 -6.67
N GLU A 80 21.50 0.29 -5.87
CA GLU A 80 22.72 -0.38 -6.35
C GLU A 80 22.40 -1.51 -7.32
N LEU A 81 21.32 -2.23 -7.03
CA LEU A 81 20.90 -3.33 -7.86
C LEU A 81 20.48 -2.82 -9.25
N ILE A 82 19.85 -1.66 -9.28
CA ILE A 82 19.37 -1.05 -10.51
C ILE A 82 20.42 -0.23 -11.24
N LEU A 83 21.01 0.77 -10.56
CA LEU A 83 22.00 1.65 -11.17
C LEU A 83 23.46 1.21 -11.07
N GLY A 84 23.71 0.10 -10.38
CA GLY A 84 25.08 -0.39 -10.24
C GLY A 84 26.05 0.64 -9.68
N ASP A 85 27.29 0.62 -10.17
CA ASP A 85 28.30 1.57 -9.71
C ASP A 85 27.95 3.01 -10.07
N GLY A 86 26.99 3.16 -10.98
CA GLY A 86 26.58 4.48 -11.40
C GLY A 86 25.62 5.19 -10.47
N LEU A 87 25.43 4.66 -9.27
CA LEU A 87 24.52 5.28 -8.31
C LEU A 87 25.10 6.53 -7.64
N LYS A 88 24.57 7.69 -8.01
CA LYS A 88 25.01 8.95 -7.46
C LYS A 88 24.02 9.40 -6.38
N SER A 89 24.17 8.86 -5.18
CA SER A 89 23.29 9.18 -4.07
C SER A 89 22.97 10.66 -3.86
N GLU A 90 23.97 11.51 -4.04
CA GLU A 90 23.80 12.95 -3.86
C GLU A 90 22.61 13.53 -4.61
N THR A 91 22.31 12.97 -5.78
CA THR A 91 21.20 13.45 -6.59
C THR A 91 20.09 12.43 -6.81
N THR A 92 20.08 11.39 -5.99
CA THR A 92 19.07 10.35 -6.11
C THR A 92 18.14 10.29 -4.91
N ALA A 93 16.85 10.37 -5.18
CA ALA A 93 15.82 10.29 -4.15
C ALA A 93 15.22 8.89 -4.25
N THR A 94 14.81 8.32 -3.12
CA THR A 94 14.24 6.98 -3.14
C THR A 94 12.97 6.89 -2.30
N LEU A 95 12.04 6.06 -2.73
CA LEU A 95 10.77 5.90 -2.04
C LEU A 95 10.29 4.46 -2.08
N ALA A 96 10.19 3.82 -0.91
CA ALA A 96 9.70 2.45 -0.84
C ALA A 96 8.20 2.59 -1.11
N THR A 97 7.68 1.74 -1.99
CA THR A 97 6.28 1.82 -2.35
C THR A 97 5.58 0.48 -2.19
N VAL A 98 4.28 0.47 -2.46
CA VAL A 98 3.48 -0.74 -2.38
C VAL A 98 3.57 -1.39 -3.77
N GLY A 99 4.61 -2.18 -3.97
CA GLY A 99 4.80 -2.82 -5.26
C GLY A 99 5.16 -1.85 -6.37
N GLY A 100 5.44 -2.40 -7.55
CA GLY A 100 5.79 -1.59 -8.70
C GLY A 100 4.63 -0.70 -9.09
N THR A 101 3.41 -1.22 -9.01
CA THR A 101 2.23 -0.44 -9.36
C THR A 101 2.15 0.81 -8.48
N GLY A 102 2.45 0.65 -7.19
CA GLY A 102 2.43 1.77 -6.29
C GLY A 102 3.50 2.76 -6.70
N ALA A 103 4.64 2.23 -7.14
CA ALA A 103 5.76 3.06 -7.60
C ALA A 103 5.33 3.86 -8.82
N LEU A 104 4.55 3.24 -9.72
CA LEU A 104 4.06 3.91 -10.91
C LEU A 104 3.07 5.01 -10.57
N ARG A 105 2.12 4.70 -9.70
CA ARG A 105 1.12 5.67 -9.27
C ARG A 105 1.79 6.90 -8.65
N GLN A 106 2.76 6.67 -7.78
CA GLN A 106 3.48 7.77 -7.12
C GLN A 106 4.28 8.61 -8.10
N ALA A 107 4.91 7.97 -9.08
CA ALA A 107 5.69 8.67 -10.09
C ALA A 107 4.82 9.67 -10.84
N LEU A 108 3.65 9.20 -11.27
CA LEU A 108 2.68 10.02 -11.98
C LEU A 108 2.22 11.18 -11.11
N GLU A 109 1.92 10.90 -9.84
CA GLU A 109 1.47 11.91 -8.88
C GLU A 109 2.55 12.98 -8.67
N LEU A 110 3.80 12.53 -8.60
CA LEU A 110 4.95 13.41 -8.40
C LEU A 110 5.11 14.33 -9.60
N ALA A 111 5.17 13.76 -10.79
CA ALA A 111 5.31 14.52 -12.02
C ALA A 111 4.20 15.54 -12.19
N ARG A 112 2.97 15.12 -11.95
CA ARG A 112 1.81 15.99 -12.06
C ARG A 112 1.91 17.16 -11.07
N MET A 113 2.63 16.95 -9.98
CA MET A 113 2.81 18.01 -8.97
C MET A 113 3.80 19.04 -9.51
N ALA A 114 4.79 18.55 -10.26
CA ALA A 114 5.82 19.40 -10.84
C ALA A 114 5.33 20.08 -12.10
N ASN A 115 4.43 19.42 -12.82
CA ASN A 115 3.90 19.94 -14.06
C ASN A 115 2.43 19.56 -14.19
N PRO A 116 1.52 20.50 -13.88
CA PRO A 116 0.09 20.26 -13.96
C PRO A 116 -0.36 19.88 -15.36
N ASP A 117 0.31 20.41 -16.37
CA ASP A 117 -0.05 20.12 -17.76
C ASP A 117 0.66 18.89 -18.31
N LEU A 118 1.09 18.01 -17.41
CA LEU A 118 1.79 16.79 -17.78
C LEU A 118 0.98 16.02 -18.81
N ARG A 119 1.69 15.41 -19.74
CA ARG A 119 1.08 14.62 -20.79
C ARG A 119 1.92 13.36 -20.84
N VAL A 120 1.29 12.19 -20.90
CA VAL A 120 2.05 10.95 -20.92
C VAL A 120 1.99 10.19 -22.24
N PHE A 121 3.14 9.64 -22.64
CA PHE A 121 3.24 8.86 -23.85
C PHE A 121 3.52 7.41 -23.42
N VAL A 122 2.70 6.50 -23.89
CA VAL A 122 2.84 5.07 -23.57
C VAL A 122 3.01 4.30 -24.88
N SER A 123 3.62 3.13 -24.81
CA SER A 123 3.84 2.34 -26.01
C SER A 123 2.57 1.70 -26.54
N ASP A 124 2.65 1.29 -27.79
CA ASP A 124 1.56 0.60 -28.44
C ASP A 124 2.03 -0.81 -28.78
N PRO A 125 1.64 -1.82 -27.96
CA PRO A 125 0.77 -1.74 -26.79
C PRO A 125 1.59 -1.69 -25.49
N THR A 126 0.91 -1.76 -24.35
CA THR A 126 1.58 -1.72 -23.06
C THR A 126 0.68 -2.39 -22.03
N TRP A 127 1.24 -2.59 -20.83
CA TRP A 127 0.52 -3.20 -19.71
C TRP A 127 -0.75 -2.36 -19.50
N PRO A 128 -1.93 -2.98 -19.67
CA PRO A 128 -3.23 -2.32 -19.52
C PRO A 128 -3.37 -1.45 -18.28
N ASN A 129 -2.78 -1.88 -17.18
CA ASN A 129 -2.85 -1.12 -15.93
C ASN A 129 -2.27 0.28 -16.03
N HIS A 130 -1.42 0.50 -17.02
CA HIS A 130 -0.83 1.81 -17.25
C HIS A 130 -1.91 2.78 -17.63
N VAL A 131 -2.66 2.39 -18.65
CA VAL A 131 -3.74 3.21 -19.17
C VAL A 131 -4.82 3.42 -18.10
N SER A 132 -5.19 2.35 -17.41
CA SER A 132 -6.24 2.47 -16.40
C SER A 132 -5.91 3.47 -15.29
N ILE A 133 -4.68 3.42 -14.77
CA ILE A 133 -4.27 4.35 -13.71
C ILE A 133 -4.28 5.77 -14.23
N MET A 134 -3.76 5.97 -15.43
CA MET A 134 -3.72 7.31 -16.03
C MET A 134 -5.13 7.85 -16.29
N ASN A 135 -5.99 7.03 -16.87
CA ASN A 135 -7.37 7.43 -17.13
C ASN A 135 -8.02 7.81 -15.82
N PHE A 136 -7.76 7.03 -14.79
CA PHE A 136 -8.32 7.29 -13.46
C PHE A 136 -7.84 8.63 -12.92
N MET A 137 -6.59 8.97 -13.20
CA MET A 137 -6.04 10.24 -12.76
C MET A 137 -6.46 11.40 -13.67
N GLY A 138 -7.04 11.07 -14.82
CA GLY A 138 -7.46 12.09 -15.76
C GLY A 138 -6.34 12.73 -16.56
N LEU A 139 -5.17 12.09 -16.59
CA LEU A 139 -4.02 12.61 -17.33
C LEU A 139 -4.20 12.32 -18.81
N PRO A 140 -3.77 13.26 -19.68
CA PRO A 140 -3.90 13.03 -21.12
C PRO A 140 -2.87 11.99 -21.57
N VAL A 141 -3.36 10.90 -22.18
CA VAL A 141 -2.49 9.81 -22.64
C VAL A 141 -2.31 9.80 -24.15
N GLN A 142 -1.05 9.62 -24.56
CA GLN A 142 -0.67 9.58 -25.97
C GLN A 142 -0.02 8.24 -26.20
N THR A 143 -0.03 7.78 -27.43
CA THR A 143 0.55 6.50 -27.78
C THR A 143 1.67 6.66 -28.81
N TYR A 144 2.67 5.79 -28.71
CA TYR A 144 3.76 5.80 -29.68
C TYR A 144 3.86 4.37 -30.21
N ARG A 145 4.04 4.25 -31.52
CA ARG A 145 4.15 2.95 -32.17
C ARG A 145 5.30 2.15 -31.57
N TYR A 146 5.05 0.88 -31.29
CA TYR A 146 6.07 0.02 -30.71
C TYR A 146 6.10 -1.39 -31.29
N PHE A 147 4.98 -2.12 -31.21
CA PHE A 147 4.96 -3.48 -31.71
C PHE A 147 4.62 -3.59 -33.18
N ASP A 148 5.47 -4.29 -33.91
CA ASP A 148 5.24 -4.49 -35.33
C ASP A 148 4.54 -5.84 -35.43
N ALA A 149 3.25 -5.81 -35.77
CA ALA A 149 2.43 -7.02 -35.89
C ALA A 149 2.91 -8.07 -36.91
N GLU A 150 3.63 -7.62 -37.94
CA GLU A 150 4.12 -8.53 -38.97
C GLU A 150 5.43 -9.24 -38.61
N THR A 151 6.39 -8.51 -38.08
CA THR A 151 7.68 -9.09 -37.71
C THR A 151 7.70 -9.54 -36.26
N ARG A 152 6.73 -9.07 -35.49
CA ARG A 152 6.64 -9.36 -34.07
C ARG A 152 7.86 -8.77 -33.38
N GLY A 153 8.36 -7.67 -33.94
CA GLY A 153 9.53 -7.00 -33.40
C GLY A 153 9.23 -5.54 -33.15
N VAL A 154 10.23 -4.76 -32.77
CA VAL A 154 10.02 -3.36 -32.49
C VAL A 154 10.00 -2.46 -33.74
N ASP A 155 8.94 -1.68 -33.85
CA ASP A 155 8.77 -0.73 -34.95
C ASP A 155 9.52 0.53 -34.52
N PHE A 156 10.85 0.47 -34.54
CA PHE A 156 11.67 1.60 -34.11
C PHE A 156 11.49 2.89 -34.91
N GLU A 157 11.43 2.77 -36.23
CA GLU A 157 11.23 3.93 -37.10
C GLU A 157 9.97 4.66 -36.65
N GLY A 158 8.89 3.91 -36.45
CA GLY A 158 7.64 4.47 -36.02
C GLY A 158 7.71 5.02 -34.60
N MET A 159 8.45 4.34 -33.74
CA MET A 159 8.62 4.76 -32.35
C MET A 159 9.27 6.15 -32.31
N LYS A 160 10.34 6.30 -33.09
CA LYS A 160 11.09 7.55 -33.16
C LYS A 160 10.23 8.69 -33.70
N ALA A 161 9.53 8.42 -34.79
CA ALA A 161 8.67 9.42 -35.43
C ALA A 161 7.64 9.97 -34.44
N ASP A 162 7.05 9.09 -33.63
CA ASP A 162 6.03 9.49 -32.66
C ASP A 162 6.59 10.17 -31.41
N LEU A 163 7.70 9.67 -30.90
CA LEU A 163 8.32 10.24 -29.71
C LEU A 163 8.86 11.62 -29.99
N ALA A 164 9.14 11.90 -31.26
CA ALA A 164 9.66 13.20 -31.65
C ALA A 164 8.67 14.30 -31.33
N ALA A 165 7.39 13.96 -31.33
CA ALA A 165 6.32 14.91 -31.05
C ALA A 165 6.21 15.33 -29.59
N ALA A 166 6.89 14.60 -28.70
CA ALA A 166 6.86 14.93 -27.27
C ALA A 166 7.37 16.33 -27.05
N LYS A 167 6.78 17.04 -26.09
CA LYS A 167 7.18 18.40 -25.77
C LYS A 167 7.92 18.46 -24.44
N LYS A 168 8.50 19.61 -24.16
CA LYS A 168 9.24 19.88 -22.93
C LYS A 168 8.29 19.71 -21.74
N GLY A 169 8.57 18.77 -20.85
CA GLY A 169 7.71 18.56 -19.70
C GLY A 169 6.77 17.37 -19.81
N ASP A 170 6.72 16.75 -20.98
CA ASP A 170 5.87 15.58 -21.17
C ASP A 170 6.61 14.39 -20.58
N MET A 171 5.88 13.31 -20.32
CA MET A 171 6.44 12.10 -19.75
C MET A 171 6.40 10.98 -20.78
N VAL A 172 7.49 10.23 -20.88
CA VAL A 172 7.55 9.10 -21.82
C VAL A 172 7.83 7.84 -21.00
N LEU A 173 6.87 6.93 -20.97
CA LEU A 173 7.01 5.69 -20.22
C LEU A 173 7.68 4.60 -21.04
N LEU A 174 8.82 4.11 -20.56
CA LEU A 174 9.56 3.06 -21.25
C LEU A 174 9.67 1.83 -20.37
N HIS A 175 9.60 0.65 -20.99
CA HIS A 175 9.76 -0.58 -20.24
C HIS A 175 11.27 -0.80 -20.27
N GLY A 176 11.91 -0.80 -19.10
CA GLY A 176 13.34 -1.00 -19.03
C GLY A 176 13.79 -2.27 -19.70
N CYS A 177 12.99 -3.33 -19.59
CA CYS A 177 13.33 -4.61 -20.20
C CYS A 177 12.10 -5.52 -20.23
N CYS A 178 12.22 -6.65 -20.93
CA CYS A 178 11.15 -7.64 -21.04
C CYS A 178 9.79 -7.00 -21.15
N HIS A 179 9.54 -6.40 -22.32
CA HIS A 179 8.30 -5.71 -22.58
C HIS A 179 7.06 -6.59 -22.40
N ASN A 180 6.22 -6.16 -21.46
CA ASN A 180 4.95 -6.82 -21.16
C ASN A 180 3.97 -5.94 -21.93
N PRO A 181 3.10 -6.54 -22.77
CA PRO A 181 2.88 -7.94 -23.12
C PRO A 181 3.66 -8.57 -24.30
N THR A 182 4.19 -7.72 -25.19
CA THR A 182 4.87 -8.16 -26.40
C THR A 182 6.09 -9.07 -26.32
N GLY A 183 7.02 -8.75 -25.44
CA GLY A 183 8.24 -9.55 -25.33
C GLY A 183 9.32 -9.05 -26.28
N ALA A 184 8.95 -8.11 -27.15
CA ALA A 184 9.87 -7.52 -28.11
C ALA A 184 10.64 -6.42 -27.38
N ASN A 185 11.95 -6.34 -27.56
CA ASN A 185 12.74 -5.36 -26.84
C ASN A 185 13.74 -4.54 -27.64
N LEU A 186 14.10 -3.38 -27.06
CA LEU A 186 15.06 -2.46 -27.67
C LEU A 186 16.50 -2.92 -27.39
N THR A 187 17.39 -2.71 -28.36
CA THR A 187 18.80 -3.06 -28.20
C THR A 187 19.48 -1.83 -27.60
N LEU A 188 20.68 -1.99 -27.04
CA LEU A 188 21.40 -0.86 -26.44
C LEU A 188 21.58 0.29 -27.43
N ASP A 189 21.81 -0.03 -28.70
CA ASP A 189 21.98 0.99 -29.74
C ASP A 189 20.69 1.77 -29.96
N GLN A 190 19.55 1.10 -29.84
CA GLN A 190 18.26 1.77 -30.00
C GLN A 190 18.00 2.62 -28.78
N TRP A 191 18.50 2.18 -27.63
CA TRP A 191 18.35 2.93 -26.38
C TRP A 191 19.14 4.24 -26.49
N ALA A 192 20.32 4.18 -27.11
CA ALA A 192 21.16 5.35 -27.30
C ALA A 192 20.43 6.42 -28.12
N GLU A 193 19.75 5.99 -29.19
CA GLU A 193 19.00 6.90 -30.05
C GLU A 193 17.79 7.47 -29.31
N ILE A 194 17.08 6.63 -28.57
CA ILE A 194 15.93 7.09 -27.80
C ILE A 194 16.44 8.16 -26.84
N ALA A 195 17.64 7.95 -26.30
CA ALA A 195 18.25 8.91 -25.38
C ALA A 195 18.36 10.27 -26.07
N SER A 196 18.84 10.27 -27.32
CA SER A 196 18.99 11.51 -28.07
C SER A 196 17.67 12.20 -28.33
N ILE A 197 16.62 11.43 -28.58
CA ILE A 197 15.30 12.00 -28.84
C ILE A 197 14.81 12.70 -27.57
N LEU A 198 14.94 12.01 -26.44
CA LEU A 198 14.51 12.58 -25.16
C LEU A 198 15.32 13.83 -24.80
N GLU A 199 16.62 13.82 -25.11
CA GLU A 199 17.47 14.98 -24.84
C GLU A 199 16.94 16.17 -25.64
N LYS A 200 16.70 15.96 -26.93
CA LYS A 200 16.19 17.00 -27.82
C LYS A 200 14.83 17.53 -27.40
N THR A 201 13.90 16.63 -27.12
CA THR A 201 12.54 17.02 -26.73
C THR A 201 12.40 17.61 -25.34
N GLY A 202 13.28 17.20 -24.42
CA GLY A 202 13.20 17.69 -23.06
C GLY A 202 12.09 17.00 -22.28
N ALA A 203 11.74 15.80 -22.71
CA ALA A 203 10.71 15.01 -22.08
C ALA A 203 11.33 14.20 -20.95
N LEU A 204 10.54 13.93 -19.91
CA LEU A 204 10.98 13.18 -18.75
C LEU A 204 10.74 11.68 -18.88
N PRO A 205 11.82 10.88 -18.81
CA PRO A 205 11.70 9.42 -18.94
C PRO A 205 11.21 8.76 -17.66
N LEU A 206 10.19 7.92 -17.78
CA LEU A 206 9.66 7.16 -16.66
C LEU A 206 9.88 5.69 -17.03
N ILE A 207 10.87 5.07 -16.42
CA ILE A 207 11.20 3.69 -16.72
C ILE A 207 10.49 2.70 -15.78
N ASP A 208 9.73 1.79 -16.38
CA ASP A 208 9.00 0.73 -15.68
C ASP A 208 9.93 -0.50 -15.70
N LEU A 209 10.51 -0.84 -14.55
CA LEU A 209 11.45 -1.97 -14.41
C LEU A 209 10.92 -3.05 -13.47
N ALA A 210 10.17 -4.00 -14.02
CA ALA A 210 9.61 -5.10 -13.24
C ALA A 210 10.21 -6.47 -13.47
N TYR A 211 10.98 -6.64 -14.55
CA TYR A 211 11.55 -7.96 -14.85
C TYR A 211 13.07 -8.03 -14.95
N GLN A 212 13.77 -7.30 -14.08
CA GLN A 212 15.23 -7.32 -14.10
C GLN A 212 15.72 -8.70 -13.66
N GLY A 213 16.43 -9.39 -14.55
CA GLY A 213 16.92 -10.72 -14.24
C GLY A 213 16.22 -11.82 -15.02
N PHE A 214 15.17 -11.45 -15.76
CA PHE A 214 14.39 -12.41 -16.56
C PHE A 214 14.73 -12.35 -18.04
N GLY A 215 15.43 -11.31 -18.45
CA GLY A 215 15.80 -11.14 -19.85
C GLY A 215 17.09 -11.84 -20.22
N ASP A 216 18.20 -11.12 -20.14
CA ASP A 216 19.51 -11.64 -20.47
C ASP A 216 20.37 -11.81 -19.21
N GLY A 217 19.97 -11.15 -18.14
CA GLY A 217 20.69 -11.21 -16.88
C GLY A 217 20.45 -9.93 -16.11
N LEU A 218 20.82 -9.91 -14.82
CA LEU A 218 20.60 -8.73 -13.98
C LEU A 218 21.23 -7.45 -14.52
N GLU A 219 22.51 -7.53 -14.88
CA GLU A 219 23.24 -6.39 -15.41
C GLU A 219 22.75 -5.99 -16.80
N GLU A 220 22.58 -6.98 -17.66
CA GLU A 220 22.14 -6.76 -19.03
C GLU A 220 20.77 -6.08 -19.12
N ASP A 221 19.86 -6.50 -18.23
CA ASP A 221 18.51 -5.95 -18.22
C ASP A 221 18.44 -4.51 -17.72
N ALA A 222 19.44 -4.12 -16.94
CA ALA A 222 19.49 -2.76 -16.41
C ALA A 222 20.23 -1.84 -17.39
N ALA A 223 20.96 -2.45 -18.33
CA ALA A 223 21.73 -1.71 -19.33
C ALA A 223 21.02 -0.51 -19.96
N GLY A 224 19.81 -0.71 -20.46
CA GLY A 224 19.08 0.37 -21.09
C GLY A 224 18.78 1.49 -20.11
N THR A 225 18.40 1.11 -18.90
CA THR A 225 18.07 2.06 -17.85
C THR A 225 19.30 2.88 -17.50
N ARG A 226 20.45 2.22 -17.41
CA ARG A 226 21.71 2.86 -17.05
C ARG A 226 22.20 3.84 -18.11
N LEU A 227 21.90 3.57 -19.37
CA LEU A 227 22.31 4.47 -20.44
C LEU A 227 21.49 5.75 -20.28
N ILE A 228 20.20 5.59 -20.04
CA ILE A 228 19.30 6.73 -19.84
C ILE A 228 19.71 7.52 -18.59
N ALA A 229 19.99 6.80 -17.51
CA ALA A 229 20.37 7.42 -16.25
C ALA A 229 21.63 8.26 -16.37
N SER A 230 22.54 7.86 -17.25
CA SER A 230 23.78 8.60 -17.41
C SER A 230 23.70 9.79 -18.37
N ARG A 231 22.77 9.75 -19.32
CA ARG A 231 22.64 10.82 -20.30
C ARG A 231 21.53 11.83 -20.01
N ILE A 232 20.50 11.39 -19.30
CA ILE A 232 19.38 12.26 -18.99
C ILE A 232 19.47 12.70 -17.52
N PRO A 233 19.41 14.02 -17.28
CA PRO A 233 19.51 14.59 -15.93
C PRO A 233 18.36 14.25 -14.97
N GLU A 234 17.14 14.13 -15.47
CA GLU A 234 15.99 13.79 -14.64
C GLU A 234 15.36 12.51 -15.16
N VAL A 235 15.25 11.50 -14.32
CA VAL A 235 14.69 10.21 -14.71
C VAL A 235 13.93 9.63 -13.54
N LEU A 236 12.78 9.02 -13.81
CA LEU A 236 11.96 8.38 -12.78
C LEU A 236 11.98 6.89 -13.09
N ILE A 237 12.25 6.07 -12.08
CA ILE A 237 12.30 4.61 -12.28
C ILE A 237 11.37 3.94 -11.27
N ALA A 238 10.50 3.06 -11.76
CA ALA A 238 9.56 2.35 -10.89
C ALA A 238 9.95 0.88 -10.93
N ALA A 239 10.59 0.40 -9.88
CA ALA A 239 11.02 -0.98 -9.83
C ALA A 239 10.11 -1.87 -9.03
N SER A 240 10.08 -3.15 -9.40
CA SER A 240 9.26 -4.15 -8.73
C SER A 240 10.12 -5.32 -8.28
N CYS A 241 9.82 -5.84 -7.11
CA CYS A 241 10.54 -6.98 -6.54
C CYS A 241 9.63 -8.20 -6.56
N SER A 242 8.40 -8.03 -7.03
CA SER A 242 7.41 -9.11 -7.10
C SER A 242 7.89 -10.34 -7.82
N LYS A 243 8.27 -10.15 -9.08
CA LYS A 243 8.69 -11.25 -9.92
C LYS A 243 10.11 -11.77 -9.69
N ASN A 244 11.12 -10.91 -9.83
CA ASN A 244 12.52 -11.37 -9.65
C ASN A 244 12.88 -11.83 -8.24
N PHE A 245 12.05 -11.52 -7.25
CA PHE A 245 12.28 -12.00 -5.88
C PHE A 245 11.19 -13.01 -5.53
N GLY A 246 10.15 -13.08 -6.36
CA GLY A 246 9.06 -14.01 -6.11
C GLY A 246 8.25 -13.67 -4.88
N ILE A 247 8.15 -12.39 -4.55
CA ILE A 247 7.37 -11.95 -3.38
C ILE A 247 6.18 -11.11 -3.83
N TYR A 248 5.44 -11.62 -4.81
CA TYR A 248 4.27 -10.96 -5.37
C TYR A 248 3.33 -10.33 -4.35
N ARG A 249 2.74 -11.16 -3.49
CA ARG A 249 1.78 -10.71 -2.47
C ARG A 249 2.30 -9.81 -1.36
N GLU A 250 3.63 -9.68 -1.23
CA GLU A 250 4.19 -8.84 -0.19
C GLU A 250 4.11 -7.36 -0.57
N ARG A 251 4.01 -7.09 -1.87
CA ARG A 251 3.90 -5.72 -2.41
C ARG A 251 5.13 -4.87 -2.15
N THR A 252 6.24 -5.21 -2.80
CA THR A 252 7.50 -4.49 -2.65
C THR A 252 8.01 -3.86 -3.94
N GLY A 253 8.27 -2.56 -3.89
CA GLY A 253 8.79 -1.85 -5.04
C GLY A 253 9.39 -0.55 -4.56
N CYS A 254 9.85 0.29 -5.47
CA CYS A 254 10.42 1.58 -5.06
C CYS A 254 10.48 2.57 -6.21
N LEU A 255 10.36 3.86 -5.88
CA LEU A 255 10.41 4.93 -6.85
C LEU A 255 11.76 5.61 -6.70
N LEU A 256 12.49 5.70 -7.80
CA LEU A 256 13.79 6.35 -7.81
C LEU A 256 13.66 7.63 -8.62
N ALA A 257 14.06 8.75 -8.02
CA ALA A 257 14.02 10.03 -8.71
C ALA A 257 15.47 10.51 -8.88
N LEU A 258 15.94 10.50 -10.14
CA LEU A 258 17.30 10.94 -10.45
C LEU A 258 17.19 12.41 -10.84
N CYS A 259 17.87 13.27 -10.10
CA CYS A 259 17.81 14.71 -10.34
C CYS A 259 19.11 15.34 -10.84
N ALA A 260 19.00 16.58 -11.31
CA ALA A 260 20.13 17.35 -11.82
C ALA A 260 21.05 17.85 -10.71
N ASP A 261 20.51 18.06 -9.51
CA ASP A 261 21.31 18.53 -8.39
C ASP A 261 20.69 18.19 -7.04
N ALA A 262 21.49 18.31 -5.99
CA ALA A 262 21.07 18.00 -4.62
C ALA A 262 19.87 18.81 -4.12
N ALA A 263 19.81 20.10 -4.47
CA ALA A 263 18.71 20.96 -4.04
C ALA A 263 17.40 20.37 -4.55
N THR A 264 17.40 19.93 -5.80
CA THR A 264 16.25 19.32 -6.42
C THR A 264 15.96 17.98 -5.77
N ARG A 265 17.02 17.23 -5.47
CA ARG A 265 16.87 15.92 -4.84
C ARG A 265 16.11 16.04 -3.52
N GLU A 266 16.48 17.04 -2.73
CA GLU A 266 15.83 17.29 -1.44
C GLU A 266 14.36 17.67 -1.65
N LEU A 267 14.09 18.40 -2.72
CA LEU A 267 12.73 18.81 -3.05
C LEU A 267 11.90 17.59 -3.43
N ALA A 268 12.50 16.71 -4.24
CA ALA A 268 11.83 15.50 -4.69
C ALA A 268 11.59 14.51 -3.57
N GLN A 269 12.63 14.27 -2.76
CA GLN A 269 12.55 13.34 -1.65
C GLN A 269 11.43 13.73 -0.68
N GLY A 270 11.38 15.00 -0.32
CA GLY A 270 10.34 15.47 0.58
C GLY A 270 8.98 15.26 -0.04
N ALA A 271 8.84 15.63 -1.31
CA ALA A 271 7.58 15.47 -2.03
C ALA A 271 7.14 13.99 -2.06
N MET A 272 8.10 13.08 -2.13
CA MET A 272 7.78 11.65 -2.14
C MET A 272 7.32 11.17 -0.76
N ALA A 273 8.04 11.59 0.28
CA ALA A 273 7.68 11.20 1.64
C ALA A 273 6.25 11.70 1.92
N PHE A 274 5.96 12.91 1.46
CA PHE A 274 4.64 13.53 1.61
C PHE A 274 3.56 12.71 0.90
N LEU A 275 3.88 12.25 -0.31
CA LEU A 275 2.98 11.44 -1.12
C LEU A 275 2.63 10.11 -0.41
N ASN A 276 3.64 9.47 0.18
CA ASN A 276 3.42 8.22 0.91
C ASN A 276 2.54 8.51 2.10
N ARG A 277 2.87 9.57 2.83
CA ARG A 277 2.13 9.98 4.02
C ARG A 277 0.66 10.30 3.71
N GLN A 278 0.40 10.97 2.60
CA GLN A 278 -0.96 11.34 2.26
C GLN A 278 -1.77 10.20 1.64
N THR A 279 -1.15 9.04 1.46
CA THR A 279 -1.85 7.90 0.88
C THR A 279 -2.10 6.77 1.89
N TYR A 280 -1.09 6.44 2.69
CA TYR A 280 -1.21 5.38 3.67
C TYR A 280 -0.14 5.48 4.75
N SER A 281 0.45 6.67 4.89
CA SER A 281 1.50 6.91 5.88
C SER A 281 2.79 6.15 5.57
N PHE A 282 2.91 4.95 6.15
CA PHE A 282 4.12 4.15 5.99
C PHE A 282 3.93 3.00 5.00
N PRO A 283 4.97 2.70 4.21
CA PRO A 283 4.91 1.61 3.24
C PRO A 283 5.13 0.25 3.94
N PRO A 284 4.67 -0.86 3.34
CA PRO A 284 4.81 -2.19 3.91
C PRO A 284 6.27 -2.63 4.12
N PHE A 285 6.57 -2.98 5.36
CA PHE A 285 7.92 -3.38 5.77
C PHE A 285 8.44 -4.76 5.38
N HIS A 286 7.68 -5.79 5.69
CA HIS A 286 8.08 -7.17 5.44
C HIS A 286 8.83 -7.53 4.15
N GLY A 287 8.21 -7.28 3.00
CA GLY A 287 8.81 -7.61 1.73
C GLY A 287 10.12 -6.87 1.45
N ALA A 288 10.15 -5.60 1.83
CA ALA A 288 11.34 -4.78 1.62
C ALA A 288 12.49 -5.31 2.46
N LYS A 289 12.19 -5.75 3.68
CA LYS A 289 13.20 -6.29 4.57
C LYS A 289 13.78 -7.59 4.02
N ILE A 290 12.95 -8.44 3.44
CA ILE A 290 13.42 -9.70 2.88
C ILE A 290 14.45 -9.35 1.82
N VAL A 291 14.10 -8.37 0.98
CA VAL A 291 14.95 -7.92 -0.10
C VAL A 291 16.29 -7.36 0.35
N SER A 292 16.28 -6.46 1.33
CA SER A 292 17.50 -5.88 1.84
C SER A 292 18.38 -6.94 2.50
N THR A 293 17.75 -7.98 3.05
CA THR A 293 18.45 -9.08 3.69
C THR A 293 19.19 -9.94 2.66
N VAL A 294 18.51 -10.27 1.57
CA VAL A 294 19.09 -11.09 0.51
C VAL A 294 20.26 -10.37 -0.14
N LEU A 295 20.02 -9.12 -0.53
CA LEU A 295 21.04 -8.31 -1.19
C LEU A 295 22.27 -7.95 -0.35
N THR A 296 22.09 -7.78 0.97
CA THR A 296 23.20 -7.44 1.83
C THR A 296 23.96 -8.65 2.35
N THR A 297 23.25 -9.76 2.55
CA THR A 297 23.84 -11.00 3.02
C THR A 297 24.44 -11.75 1.83
N PRO A 298 25.78 -11.72 1.69
CA PRO A 298 26.51 -12.38 0.61
C PRO A 298 26.05 -13.79 0.25
N GLU A 299 25.85 -14.62 1.27
CA GLU A 299 25.42 -16.00 1.03
C GLU A 299 24.06 -16.06 0.33
N LEU A 300 23.08 -15.38 0.92
CA LEU A 300 21.73 -15.37 0.37
C LEU A 300 21.72 -14.77 -1.04
N ARG A 301 22.38 -13.62 -1.19
CA ARG A 301 22.44 -12.95 -2.48
C ARG A 301 22.95 -13.89 -3.56
N ALA A 302 24.04 -14.60 -3.24
CA ALA A 302 24.65 -15.55 -4.15
C ALA A 302 23.64 -16.63 -4.56
N ASP A 303 22.89 -17.12 -3.59
CA ASP A 303 21.90 -18.16 -3.88
C ASP A 303 20.71 -17.61 -4.65
N TRP A 304 20.39 -16.33 -4.46
CA TRP A 304 19.30 -15.67 -5.16
C TRP A 304 19.67 -15.54 -6.63
N MET A 305 20.82 -14.92 -6.90
CA MET A 305 21.29 -14.74 -8.26
C MET A 305 21.36 -16.09 -8.97
N ALA A 306 21.78 -17.12 -8.24
CA ALA A 306 21.88 -18.47 -8.79
C ALA A 306 20.51 -19.01 -9.19
N GLU A 307 19.52 -18.79 -8.33
CA GLU A 307 18.17 -19.27 -8.60
C GLU A 307 17.52 -18.50 -9.74
N LEU A 308 17.71 -17.19 -9.77
CA LEU A 308 17.14 -16.38 -10.83
C LEU A 308 17.74 -16.79 -12.18
N GLU A 309 19.05 -17.01 -12.22
CA GLU A 309 19.68 -17.42 -13.46
C GLU A 309 19.11 -18.74 -13.98
N ALA A 310 18.85 -19.67 -13.07
CA ALA A 310 18.28 -20.96 -13.42
C ALA A 310 16.92 -20.73 -14.07
N VAL A 311 16.11 -19.87 -13.44
CA VAL A 311 14.79 -19.51 -13.95
C VAL A 311 14.87 -18.88 -15.35
N ARG A 312 15.81 -17.95 -15.50
CA ARG A 312 16.02 -17.24 -16.75
C ARG A 312 16.42 -18.19 -17.88
N SER A 313 17.42 -19.02 -17.63
CA SER A 313 17.89 -19.99 -18.62
C SER A 313 16.82 -20.99 -19.02
N GLY A 314 16.07 -21.46 -18.04
CA GLY A 314 15.02 -22.43 -18.29
C GLY A 314 14.04 -21.92 -19.32
N MET A 315 13.58 -20.68 -19.13
CA MET A 315 12.64 -20.08 -20.05
C MET A 315 13.25 -19.90 -21.42
N LEU A 316 14.53 -19.54 -21.45
CA LEU A 316 15.23 -19.36 -22.72
C LEU A 316 15.26 -20.69 -23.48
N ARG A 317 15.43 -21.79 -22.76
CA ARG A 317 15.44 -23.11 -23.39
C ARG A 317 14.07 -23.39 -24.00
N LEU A 318 13.02 -23.04 -23.26
CA LEU A 318 11.64 -23.23 -23.74
C LEU A 318 11.40 -22.47 -25.05
N ARG A 319 11.90 -21.24 -25.10
CA ARG A 319 11.78 -20.39 -26.28
C ARG A 319 12.45 -21.07 -27.48
N GLU A 320 13.67 -21.54 -27.28
CA GLU A 320 14.40 -22.23 -28.34
C GLU A 320 13.68 -23.49 -28.79
N GLN A 321 13.13 -24.24 -27.84
CA GLN A 321 12.40 -25.46 -28.14
C GLN A 321 11.18 -25.17 -28.99
N LEU A 322 10.30 -24.29 -28.49
CA LEU A 322 9.10 -23.92 -29.22
C LEU A 322 9.44 -23.38 -30.62
N ALA A 323 10.45 -22.49 -30.69
CA ALA A 323 10.87 -21.92 -31.97
C ALA A 323 11.37 -23.02 -32.89
N GLY A 324 12.03 -24.02 -32.32
CA GLY A 324 12.57 -25.12 -33.11
C GLY A 324 11.44 -25.97 -33.66
N GLU A 325 10.49 -26.28 -32.78
CA GLU A 325 9.33 -27.09 -33.16
C GLU A 325 8.56 -26.35 -34.27
N LEU A 326 8.39 -25.05 -34.11
CA LEU A 326 7.69 -24.23 -35.09
C LEU A 326 8.42 -24.20 -36.41
N ARG A 327 9.74 -24.25 -36.36
CA ARG A 327 10.57 -24.23 -37.57
C ARG A 327 10.36 -25.51 -38.38
N ASP A 328 10.44 -26.65 -37.71
CA ASP A 328 10.25 -27.95 -38.35
C ASP A 328 8.86 -28.08 -38.97
N LEU A 329 7.83 -27.78 -38.19
CA LEU A 329 6.46 -27.87 -38.66
C LEU A 329 6.10 -26.87 -39.75
N SER A 330 6.73 -25.71 -39.75
CA SER A 330 6.42 -24.70 -40.76
C SER A 330 7.31 -24.76 -41.99
N GLY A 331 8.48 -25.38 -41.83
CA GLY A 331 9.42 -25.47 -42.93
C GLY A 331 9.96 -24.09 -43.26
N SER A 332 9.88 -23.18 -42.29
CA SER A 332 10.35 -21.82 -42.44
C SER A 332 10.79 -21.26 -41.10
N ASP A 333 11.51 -20.15 -41.12
CA ASP A 333 11.96 -19.51 -39.89
C ASP A 333 11.11 -18.29 -39.58
N ARG A 334 9.84 -18.38 -39.99
CA ARG A 334 8.87 -17.32 -39.81
C ARG A 334 8.53 -17.02 -38.35
N PHE A 335 8.69 -18.03 -37.49
CA PHE A 335 8.40 -17.88 -36.07
C PHE A 335 9.66 -17.67 -35.22
N GLY A 336 10.76 -17.29 -35.87
CA GLY A 336 12.01 -17.08 -35.17
C GLY A 336 11.98 -16.06 -34.06
N PHE A 337 11.06 -15.09 -34.17
CA PHE A 337 10.93 -14.05 -33.16
C PHE A 337 10.77 -14.65 -31.75
N VAL A 338 10.13 -15.81 -31.67
CA VAL A 338 9.91 -16.48 -30.39
C VAL A 338 11.21 -16.67 -29.61
N ALA A 339 12.29 -16.95 -30.33
CA ALA A 339 13.60 -17.16 -29.71
C ALA A 339 14.33 -15.84 -29.51
N GLU A 340 13.87 -14.79 -30.19
CA GLU A 340 14.48 -13.48 -30.08
C GLU A 340 13.86 -12.68 -28.94
N HIS A 341 12.60 -12.96 -28.63
CA HIS A 341 11.90 -12.27 -27.56
C HIS A 341 12.54 -12.56 -26.20
N ARG A 342 12.50 -11.59 -25.29
CA ARG A 342 13.06 -11.76 -23.96
C ARG A 342 11.99 -11.42 -22.93
N GLY A 343 11.95 -12.18 -21.85
CA GLY A 343 10.96 -11.97 -20.80
C GLY A 343 10.12 -13.22 -20.74
N MET A 344 9.13 -13.29 -19.85
CA MET A 344 8.32 -14.49 -19.78
C MET A 344 7.10 -14.42 -20.67
N PHE A 345 6.89 -13.29 -21.33
CA PHE A 345 5.74 -13.13 -22.21
C PHE A 345 6.16 -12.95 -23.65
N SER A 346 5.24 -13.30 -24.55
CA SER A 346 5.45 -13.15 -25.99
C SER A 346 4.08 -12.98 -26.64
N ARG A 347 3.99 -12.03 -27.56
CA ARG A 347 2.74 -11.81 -28.26
C ARG A 347 2.94 -12.47 -29.61
N LEU A 348 2.18 -13.54 -29.85
CA LEU A 348 2.28 -14.30 -31.10
C LEU A 348 1.88 -13.53 -32.35
N GLY A 349 0.91 -12.65 -32.23
CA GLY A 349 0.46 -11.89 -33.38
C GLY A 349 -0.76 -12.50 -34.05
N ALA A 350 -1.49 -13.35 -33.33
CA ALA A 350 -2.70 -13.98 -33.85
C ALA A 350 -3.87 -13.05 -33.65
N THR A 351 -4.82 -13.05 -34.57
CA THR A 351 -6.01 -12.22 -34.48
C THR A 351 -6.93 -12.78 -33.40
N PRO A 352 -7.79 -11.94 -32.80
CA PRO A 352 -8.69 -12.45 -31.75
C PRO A 352 -9.47 -13.68 -32.23
N GLU A 353 -9.76 -13.69 -33.53
CA GLU A 353 -10.48 -14.78 -34.15
C GLU A 353 -9.64 -16.06 -34.13
N GLN A 354 -8.36 -15.94 -34.46
CA GLN A 354 -7.45 -17.09 -34.45
C GLN A 354 -7.29 -17.59 -33.03
N VAL A 355 -7.23 -16.64 -32.08
CA VAL A 355 -7.09 -16.97 -30.65
C VAL A 355 -8.28 -17.80 -30.19
N LYS A 356 -9.48 -17.39 -30.59
CA LYS A 356 -10.69 -18.09 -30.21
C LYS A 356 -10.71 -19.49 -30.81
N ARG A 357 -10.29 -19.60 -32.06
CA ARG A 357 -10.26 -20.87 -32.75
C ARG A 357 -9.25 -21.81 -32.08
N ILE A 358 -8.14 -21.26 -31.60
CA ILE A 358 -7.12 -22.05 -30.92
C ILE A 358 -7.70 -22.67 -29.65
N LYS A 359 -8.43 -21.88 -28.87
CA LYS A 359 -9.05 -22.33 -27.62
C LYS A 359 -10.08 -23.45 -27.88
N GLU A 360 -11.07 -23.16 -28.72
CA GLU A 360 -12.13 -24.11 -29.04
C GLU A 360 -11.66 -25.42 -29.66
N GLU A 361 -10.65 -25.35 -30.53
CA GLU A 361 -10.14 -26.54 -31.20
C GLU A 361 -9.02 -27.27 -30.47
N PHE A 362 -8.19 -26.54 -29.72
CA PHE A 362 -7.07 -27.16 -29.03
C PHE A 362 -7.05 -27.02 -27.52
N GLY A 363 -8.07 -26.37 -26.96
CA GLY A 363 -8.13 -26.20 -25.52
C GLY A 363 -6.96 -25.41 -24.94
N ILE A 364 -6.29 -24.63 -25.77
CA ILE A 364 -5.17 -23.82 -25.32
C ILE A 364 -5.67 -22.40 -25.09
N TYR A 365 -5.58 -21.95 -23.83
CA TYR A 365 -6.02 -20.62 -23.45
C TYR A 365 -4.87 -19.63 -23.39
N MET A 366 -5.18 -18.38 -23.72
CA MET A 366 -4.21 -17.29 -23.70
C MET A 366 -4.98 -15.96 -23.67
N VAL A 367 -4.28 -14.86 -23.47
CA VAL A 367 -4.95 -13.56 -23.44
C VAL A 367 -5.45 -13.26 -24.85
N GLY A 368 -6.53 -12.48 -24.95
CA GLY A 368 -7.11 -12.12 -26.24
C GLY A 368 -6.21 -11.46 -27.27
N ASP A 369 -5.14 -10.83 -26.82
CA ASP A 369 -4.20 -10.17 -27.72
C ASP A 369 -3.11 -11.11 -28.23
N SER A 370 -3.27 -12.41 -27.97
CA SER A 370 -2.34 -13.48 -28.35
C SER A 370 -1.07 -13.53 -27.51
N ARG A 371 -1.15 -12.99 -26.30
CA ARG A 371 0.01 -13.00 -25.39
C ARG A 371 0.03 -14.33 -24.64
N ILE A 372 1.18 -14.99 -24.64
CA ILE A 372 1.32 -16.26 -23.95
C ILE A 372 2.44 -16.15 -22.93
N ASN A 373 2.39 -17.01 -21.92
CA ASN A 373 3.40 -17.06 -20.86
C ASN A 373 4.31 -18.26 -21.14
N ILE A 374 5.56 -17.97 -21.47
CA ILE A 374 6.56 -18.99 -21.79
C ILE A 374 6.71 -20.02 -20.67
N ALA A 375 6.62 -19.55 -19.42
CA ALA A 375 6.75 -20.40 -18.24
C ALA A 375 5.70 -21.50 -18.18
N GLY A 376 4.56 -21.29 -18.84
CA GLY A 376 3.50 -22.28 -18.83
C GLY A 376 3.71 -23.42 -19.82
N LEU A 377 4.84 -23.38 -20.51
CA LEU A 377 5.18 -24.39 -21.50
C LEU A 377 6.15 -25.42 -20.93
N ASN A 378 6.18 -26.59 -21.54
CA ASN A 378 7.07 -27.66 -21.13
C ASN A 378 7.15 -28.66 -22.28
N ASP A 379 8.00 -29.66 -22.15
CA ASP A 379 8.18 -30.65 -23.21
C ASP A 379 6.91 -31.30 -23.72
N ASN A 380 5.89 -31.40 -22.86
CA ASN A 380 4.64 -32.02 -23.28
C ASN A 380 3.67 -31.06 -23.94
N THR A 381 3.70 -29.80 -23.53
CA THR A 381 2.78 -28.81 -24.10
C THR A 381 3.26 -28.09 -25.37
N ILE A 382 4.58 -28.00 -25.56
CA ILE A 382 5.14 -27.33 -26.74
C ILE A 382 4.69 -27.90 -28.10
N PRO A 383 4.77 -29.24 -28.30
CA PRO A 383 4.36 -29.82 -29.57
C PRO A 383 2.92 -29.46 -29.92
N ILE A 384 2.08 -29.41 -28.90
CA ILE A 384 0.67 -29.08 -29.05
C ILE A 384 0.48 -27.62 -29.43
N LEU A 385 1.16 -26.71 -28.73
CA LEU A 385 1.06 -25.28 -29.04
C LEU A 385 1.56 -25.02 -30.46
N ALA A 386 2.68 -25.65 -30.82
CA ALA A 386 3.26 -25.51 -32.14
C ALA A 386 2.26 -25.90 -33.23
N ARG A 387 1.63 -27.05 -33.04
CA ARG A 387 0.66 -27.52 -34.01
C ARG A 387 -0.61 -26.66 -34.07
N ALA A 388 -1.05 -26.18 -32.92
CA ALA A 388 -2.23 -25.32 -32.87
C ALA A 388 -2.01 -24.05 -33.68
N ILE A 389 -0.89 -23.39 -33.44
CA ILE A 389 -0.52 -22.15 -34.13
C ILE A 389 -0.58 -22.33 -35.65
N ILE A 390 0.13 -23.32 -36.15
CA ILE A 390 0.19 -23.59 -37.57
C ILE A 390 -1.15 -24.04 -38.19
N GLU A 391 -1.88 -24.88 -37.49
CA GLU A 391 -3.15 -25.36 -38.01
C GLU A 391 -4.20 -24.26 -38.15
N VAL A 392 -4.18 -23.28 -37.25
CA VAL A 392 -5.15 -22.17 -37.30
C VAL A 392 -4.77 -21.10 -38.33
N GLY A 393 -3.58 -21.22 -38.89
CA GLY A 393 -3.16 -20.29 -39.92
C GLY A 393 -2.49 -19.01 -39.47
N VAL A 394 -1.73 -19.07 -38.38
CA VAL A 394 -1.02 -17.89 -37.92
C VAL A 394 0.30 -17.88 -38.70
N MET B 1 11.84 19.87 -14.66
CA MET B 1 10.50 19.42 -14.15
C MET B 1 10.48 19.41 -12.62
N LEU B 2 11.11 18.39 -12.03
CA LEU B 2 11.15 18.24 -10.56
C LEU B 2 11.61 19.48 -9.81
N GLY B 3 12.41 20.32 -10.47
CA GLY B 3 12.88 21.53 -9.83
C GLY B 3 11.76 22.48 -9.45
N ASN B 4 10.58 22.26 -10.01
CA ASN B 4 9.43 23.11 -9.73
C ASN B 4 8.61 22.62 -8.53
N LEU B 5 9.13 21.61 -7.85
CA LEU B 5 8.45 21.05 -6.68
C LEU B 5 8.52 22.02 -5.49
N LYS B 6 7.36 22.32 -4.92
CA LYS B 6 7.27 23.21 -3.77
C LYS B 6 7.55 22.42 -2.50
N PRO B 7 8.20 23.04 -1.50
CA PRO B 7 8.50 22.32 -0.25
C PRO B 7 7.20 21.97 0.48
N GLN B 8 7.20 20.85 1.20
CA GLN B 8 6.01 20.40 1.93
C GLN B 8 6.28 20.33 3.43
N ALA B 9 5.23 20.63 4.20
CA ALA B 9 5.27 20.61 5.67
C ALA B 9 5.33 19.17 6.16
N PRO B 10 6.22 18.88 7.13
CA PRO B 10 6.39 17.55 7.72
C PRO B 10 5.34 17.17 8.75
N ASP B 11 5.38 15.93 9.23
CA ASP B 11 4.45 15.46 10.23
C ASP B 11 5.05 15.86 11.59
N LYS B 12 4.41 16.81 12.26
CA LYS B 12 4.90 17.30 13.54
C LYS B 12 4.96 16.23 14.63
N ILE B 13 4.02 15.29 14.62
CA ILE B 13 4.01 14.22 15.63
C ILE B 13 5.21 13.31 15.37
N LEU B 14 5.42 12.95 14.09
CA LEU B 14 6.53 12.07 13.72
C LEU B 14 7.86 12.81 13.86
N ALA B 15 7.82 14.13 13.77
CA ALA B 15 9.02 14.95 13.90
C ALA B 15 9.65 14.77 15.29
N LEU B 16 8.82 14.54 16.29
CA LEU B 16 9.30 14.33 17.65
C LEU B 16 10.29 13.16 17.71
N MET B 17 10.16 12.22 16.79
CA MET B 17 11.07 11.08 16.74
C MET B 17 12.47 11.63 16.49
N GLY B 18 12.55 12.66 15.66
CA GLY B 18 13.82 13.29 15.36
C GLY B 18 14.29 14.10 16.54
N GLU B 19 13.36 14.83 17.16
CA GLU B 19 13.66 15.66 18.33
C GLU B 19 14.00 14.83 19.57
N PHE B 20 14.21 13.53 19.38
CA PHE B 20 14.53 12.64 20.48
C PHE B 20 15.72 11.78 20.11
N GLY B 27 18.40 11.97 30.56
CA GLY B 27 17.11 11.68 31.18
C GLY B 27 15.95 12.13 30.31
N LYS B 28 15.97 11.71 29.04
CA LYS B 28 14.94 12.07 28.09
C LYS B 28 13.68 11.25 28.34
N ILE B 29 12.51 11.86 28.19
CA ILE B 29 11.24 11.16 28.38
C ILE B 29 10.41 11.26 27.11
N ASP B 30 10.26 10.14 26.42
CA ASP B 30 9.50 10.09 25.17
C ASP B 30 8.01 9.90 25.43
N LEU B 31 7.23 10.96 25.22
CA LEU B 31 5.79 10.92 25.40
C LEU B 31 5.07 11.41 24.15
N GLY B 32 5.62 11.08 22.98
CA GLY B 32 5.02 11.54 21.74
C GLY B 32 4.20 10.52 20.95
N VAL B 33 4.80 10.02 19.87
CA VAL B 33 4.17 9.04 18.97
C VAL B 33 3.36 7.95 19.68
N GLY B 34 2.14 7.75 19.17
CA GLY B 34 1.22 6.80 19.74
C GLY B 34 1.48 5.32 19.59
N VAL B 35 2.56 4.86 20.17
CA VAL B 35 2.88 3.43 20.13
C VAL B 35 2.94 2.99 21.59
N TYR B 36 2.51 1.76 21.85
CA TYR B 36 2.55 1.24 23.20
C TYR B 36 4.01 0.94 23.58
N LYS B 37 4.37 1.22 24.82
CA LYS B 37 5.70 0.99 25.33
C LYS B 37 5.61 0.25 26.66
N ASP B 38 6.54 -0.65 26.92
CA ASP B 38 6.52 -1.40 28.17
C ASP B 38 7.38 -0.72 29.25
N ALA B 39 7.46 -1.35 30.42
CA ALA B 39 8.22 -0.85 31.56
C ALA B 39 9.63 -0.36 31.21
N THR B 40 10.24 -1.00 30.22
CA THR B 40 11.59 -0.62 29.80
C THR B 40 11.62 0.16 28.48
N GLY B 41 10.53 0.86 28.18
CA GLY B 41 10.47 1.66 26.96
C GLY B 41 10.59 0.92 25.63
N HIS B 42 10.09 -0.31 25.59
CA HIS B 42 10.14 -1.10 24.37
C HIS B 42 8.75 -1.42 23.86
N THR B 43 8.61 -1.45 22.54
CA THR B 43 7.35 -1.80 21.91
C THR B 43 7.58 -3.23 21.46
N PRO B 44 7.21 -4.20 22.30
CA PRO B 44 7.40 -5.62 21.96
C PRO B 44 6.44 -6.16 20.93
N ILE B 45 6.75 -7.35 20.44
CA ILE B 45 5.90 -8.04 19.49
C ILE B 45 5.06 -8.92 20.39
N MET B 46 3.75 -8.92 20.18
CA MET B 46 2.87 -9.74 21.00
C MET B 46 3.14 -11.21 20.77
N ARG B 47 2.99 -12.00 21.83
CA ARG B 47 3.22 -13.44 21.77
C ARG B 47 2.47 -14.14 20.64
N ALA B 48 1.17 -13.87 20.53
CA ALA B 48 0.35 -14.47 19.48
C ALA B 48 0.84 -14.13 18.08
N VAL B 49 1.30 -12.90 17.90
CA VAL B 49 1.80 -12.45 16.60
C VAL B 49 3.05 -13.25 16.22
N HIS B 50 3.97 -13.41 17.17
CA HIS B 50 5.19 -14.14 16.91
C HIS B 50 4.88 -15.59 16.52
N ALA B 51 3.97 -16.21 17.25
CA ALA B 51 3.56 -17.60 17.00
C ALA B 51 2.90 -17.70 15.63
N ALA B 52 2.14 -16.67 15.27
CA ALA B 52 1.46 -16.64 13.98
C ALA B 52 2.51 -16.66 12.87
N GLU B 53 3.51 -15.81 13.00
CA GLU B 53 4.57 -15.72 12.01
C GLU B 53 5.31 -17.04 11.85
N GLN B 54 5.63 -17.69 12.97
CA GLN B 54 6.33 -18.96 12.94
C GLN B 54 5.49 -20.00 12.21
N ARG B 55 4.19 -20.02 12.49
CA ARG B 55 3.27 -20.95 11.84
C ARG B 55 3.20 -20.66 10.35
N MET B 56 3.22 -19.38 9.99
CA MET B 56 3.16 -18.98 8.59
C MET B 56 4.43 -19.36 7.84
N LEU B 57 5.57 -19.29 8.53
CA LEU B 57 6.84 -19.64 7.90
C LEU B 57 6.85 -21.10 7.46
N GLU B 58 6.03 -21.93 8.11
CA GLU B 58 5.95 -23.35 7.79
C GLU B 58 4.85 -23.72 6.80
N THR B 59 3.71 -23.07 6.89
CA THR B 59 2.58 -23.39 6.03
C THR B 59 2.53 -22.78 4.64
N GLU B 60 3.03 -21.56 4.47
CA GLU B 60 2.98 -20.93 3.16
C GLU B 60 3.92 -21.59 2.16
N THR B 61 3.38 -21.94 0.99
CA THR B 61 4.17 -22.58 -0.06
C THR B 61 4.34 -21.72 -1.32
N THR B 62 3.66 -20.58 -1.36
CA THR B 62 3.74 -19.69 -2.51
C THR B 62 3.44 -18.26 -2.09
N LYS B 63 3.90 -17.32 -2.91
CA LYS B 63 3.69 -15.90 -2.66
C LYS B 63 3.04 -15.20 -3.85
N THR B 64 2.33 -15.97 -4.68
CA THR B 64 1.64 -15.42 -5.85
C THR B 64 0.60 -14.39 -5.47
N TYR B 65 0.12 -13.65 -6.46
CA TYR B 65 -0.89 -12.63 -6.22
C TYR B 65 -2.12 -13.29 -5.62
N ALA B 66 -2.67 -12.64 -4.60
CA ALA B 66 -3.85 -13.14 -3.91
C ALA B 66 -5.09 -12.32 -4.29
N GLY B 67 -5.86 -11.90 -3.29
CA GLY B 67 -7.07 -11.14 -3.54
C GLY B 67 -6.87 -9.64 -3.54
N LEU B 68 -7.51 -8.98 -4.50
CA LEU B 68 -7.42 -7.53 -4.66
C LEU B 68 -8.08 -6.76 -3.51
N SER B 69 -9.11 -7.36 -2.90
CA SER B 69 -9.81 -6.73 -1.78
C SER B 69 -9.33 -7.31 -0.46
N GLY B 70 -8.30 -8.13 -0.51
CA GLY B 70 -7.78 -8.76 0.68
C GLY B 70 -8.26 -10.21 0.69
N GLU B 71 -7.84 -10.97 1.69
CA GLU B 71 -8.23 -12.37 1.78
C GLU B 71 -9.52 -12.50 2.56
N PRO B 72 -10.42 -13.41 2.11
CA PRO B 72 -11.71 -13.67 2.72
C PRO B 72 -11.60 -13.93 4.22
N GLU B 73 -10.58 -14.69 4.63
CA GLU B 73 -10.38 -15.00 6.04
C GLU B 73 -10.19 -13.71 6.83
N PHE B 74 -9.40 -12.79 6.29
CA PHE B 74 -9.15 -11.50 6.94
C PHE B 74 -10.42 -10.66 6.96
N GLN B 75 -11.07 -10.55 5.81
CA GLN B 75 -12.29 -9.77 5.68
C GLN B 75 -13.34 -10.23 6.70
N LYS B 76 -13.50 -11.54 6.82
CA LYS B 76 -14.47 -12.12 7.73
C LYS B 76 -14.07 -11.89 9.18
N ALA B 77 -12.85 -12.30 9.53
CA ALA B 77 -12.35 -12.14 10.89
C ALA B 77 -12.51 -10.70 11.38
N MET B 78 -12.07 -9.75 10.55
CA MET B 78 -12.17 -8.34 10.87
C MET B 78 -13.62 -7.86 11.08
N GLY B 79 -14.52 -8.34 10.24
CA GLY B 79 -15.92 -7.94 10.37
C GLY B 79 -16.49 -8.36 11.71
N GLU B 80 -16.27 -9.61 12.08
CA GLU B 80 -16.77 -10.13 13.35
C GLU B 80 -16.12 -9.46 14.54
N LEU B 81 -14.84 -9.13 14.41
CA LEU B 81 -14.12 -8.46 15.49
C LEU B 81 -14.74 -7.10 15.81
N ILE B 82 -15.07 -6.36 14.74
CA ILE B 82 -15.63 -5.03 14.89
C ILE B 82 -17.13 -4.99 15.14
N LEU B 83 -17.91 -5.68 14.31
CA LEU B 83 -19.35 -5.67 14.45
C LEU B 83 -19.95 -6.80 15.28
N GLY B 84 -19.14 -7.79 15.62
CA GLY B 84 -19.64 -8.91 16.40
C GLY B 84 -20.78 -9.59 15.66
N ASP B 85 -21.86 -9.87 16.36
CA ASP B 85 -23.01 -10.52 15.74
C ASP B 85 -23.87 -9.59 14.91
N GLY B 86 -23.44 -8.33 14.83
CA GLY B 86 -24.17 -7.35 14.04
C GLY B 86 -23.62 -7.29 12.62
N LEU B 87 -22.86 -8.32 12.24
CA LEU B 87 -22.27 -8.38 10.91
C LEU B 87 -23.19 -9.05 9.90
N LYS B 88 -23.88 -8.23 9.11
CA LYS B 88 -24.77 -8.73 8.08
C LYS B 88 -23.95 -8.74 6.80
N SER B 89 -23.12 -9.76 6.65
CA SER B 89 -22.24 -9.89 5.48
C SER B 89 -22.95 -9.67 4.15
N GLU B 90 -24.21 -10.07 4.08
CA GLU B 90 -25.00 -9.92 2.86
C GLU B 90 -25.08 -8.47 2.38
N THR B 91 -24.87 -7.53 3.31
CA THR B 91 -24.94 -6.13 2.98
C THR B 91 -23.69 -5.34 3.41
N THR B 92 -22.58 -6.05 3.63
CA THR B 92 -21.32 -5.42 4.04
C THR B 92 -20.21 -5.70 3.04
N ALA B 93 -19.49 -4.66 2.64
CA ALA B 93 -18.37 -4.77 1.71
C ALA B 93 -17.10 -4.54 2.51
N THR B 94 -16.05 -5.30 2.22
CA THR B 94 -14.80 -5.19 2.95
C THR B 94 -13.63 -4.98 2.00
N LEU B 95 -12.66 -4.19 2.44
CA LEU B 95 -11.49 -3.90 1.63
C LEU B 95 -10.24 -3.85 2.50
N ALA B 96 -9.28 -4.74 2.23
CA ALA B 96 -8.02 -4.74 2.98
C ALA B 96 -7.18 -3.57 2.45
N THR B 97 -6.70 -2.74 3.37
CA THR B 97 -5.94 -1.57 3.01
C THR B 97 -4.57 -1.55 3.66
N VAL B 98 -3.76 -0.55 3.29
CA VAL B 98 -2.42 -0.38 3.83
C VAL B 98 -2.54 0.39 5.14
N GLY B 99 -2.82 -0.34 6.21
CA GLY B 99 -2.98 0.26 7.52
C GLY B 99 -4.29 1.02 7.66
N GLY B 100 -4.52 1.54 8.86
CA GLY B 100 -5.73 2.30 9.10
C GLY B 100 -5.77 3.56 8.26
N THR B 101 -4.62 4.20 8.10
CA THR B 101 -4.52 5.42 7.31
C THR B 101 -5.00 5.18 5.88
N GLY B 102 -4.57 4.06 5.32
CA GLY B 102 -4.99 3.71 3.97
C GLY B 102 -6.50 3.52 3.89
N ALA B 103 -7.06 3.00 4.97
CA ALA B 103 -8.50 2.76 5.06
C ALA B 103 -9.25 4.07 5.00
N LEU B 104 -8.69 5.10 5.63
CA LEU B 104 -9.31 6.43 5.66
C LEU B 104 -9.27 7.06 4.28
N ARG B 105 -8.09 7.13 3.69
CA ARG B 105 -7.91 7.72 2.36
C ARG B 105 -8.85 7.03 1.37
N GLN B 106 -8.86 5.70 1.43
CA GLN B 106 -9.71 4.89 0.57
C GLN B 106 -11.20 5.20 0.84
N ALA B 107 -11.51 5.47 2.10
CA ALA B 107 -12.88 5.80 2.52
C ALA B 107 -13.32 7.14 1.92
N LEU B 108 -12.43 8.13 1.93
CA LEU B 108 -12.72 9.45 1.40
C LEU B 108 -12.89 9.41 -0.11
N GLU B 109 -12.05 8.61 -0.78
CA GLU B 109 -12.12 8.46 -2.23
C GLU B 109 -13.43 7.80 -2.64
N LEU B 110 -13.83 6.77 -1.90
CA LEU B 110 -15.07 6.07 -2.19
C LEU B 110 -16.27 7.01 -2.09
N ALA B 111 -16.37 7.71 -0.96
CA ALA B 111 -17.46 8.63 -0.73
C ALA B 111 -17.48 9.75 -1.77
N ARG B 112 -16.30 10.29 -2.08
CA ARG B 112 -16.22 11.36 -3.07
C ARG B 112 -16.71 10.90 -4.43
N MET B 113 -16.52 9.61 -4.72
CA MET B 113 -16.97 9.04 -5.99
C MET B 113 -18.49 9.05 -6.06
N ALA B 114 -19.14 8.79 -4.93
CA ALA B 114 -20.59 8.76 -4.87
C ALA B 114 -21.19 10.14 -4.66
N ASN B 115 -20.38 11.08 -4.20
CA ASN B 115 -20.85 12.44 -3.96
C ASN B 115 -19.73 13.44 -4.14
N PRO B 116 -19.59 14.00 -5.35
CA PRO B 116 -18.54 14.97 -5.61
C PRO B 116 -18.64 16.17 -4.68
N ASP B 117 -19.86 16.52 -4.29
CA ASP B 117 -20.08 17.68 -3.43
C ASP B 117 -20.12 17.34 -1.94
N LEU B 118 -19.32 16.37 -1.50
CA LEU B 118 -19.33 16.01 -0.09
C LEU B 118 -18.44 16.91 0.76
N ARG B 119 -18.83 17.05 2.02
CA ARG B 119 -18.09 17.84 2.99
C ARG B 119 -17.80 16.88 4.13
N VAL B 120 -16.75 17.15 4.89
CA VAL B 120 -16.40 16.30 6.01
C VAL B 120 -16.37 17.10 7.30
N PHE B 121 -17.07 16.59 8.32
CA PHE B 121 -17.11 17.22 9.63
C PHE B 121 -16.13 16.43 10.51
N VAL B 122 -15.22 17.15 11.16
CA VAL B 122 -14.24 16.52 12.04
C VAL B 122 -14.30 17.16 13.42
N SER B 123 -13.92 16.41 14.44
CA SER B 123 -13.97 16.91 15.81
C SER B 123 -12.95 17.98 16.12
N ASP B 124 -13.33 18.87 17.03
CA ASP B 124 -12.47 19.94 17.46
C ASP B 124 -11.95 19.54 18.84
N PRO B 125 -10.72 18.98 18.92
CA PRO B 125 -9.78 18.70 17.83
C PRO B 125 -9.85 17.23 17.36
N THR B 126 -8.97 16.87 16.44
CA THR B 126 -8.92 15.51 15.91
C THR B 126 -7.51 15.17 15.45
N TRP B 127 -7.31 13.93 15.01
CA TRP B 127 -6.01 13.47 14.53
C TRP B 127 -5.67 14.38 13.35
N PRO B 128 -4.61 15.20 13.47
CA PRO B 128 -4.18 16.12 12.40
C PRO B 128 -4.10 15.49 11.01
N ASN B 129 -3.68 14.24 10.96
CA ASN B 129 -3.57 13.54 9.68
C ASN B 129 -4.91 13.48 8.96
N HIS B 130 -6.00 13.58 9.70
CA HIS B 130 -7.34 13.58 9.12
C HIS B 130 -7.46 14.80 8.20
N VAL B 131 -7.18 15.97 8.75
CA VAL B 131 -7.27 17.21 7.99
C VAL B 131 -6.25 17.28 6.87
N SER B 132 -5.06 16.75 7.13
CA SER B 132 -3.99 16.73 6.14
C SER B 132 -4.47 16.04 4.87
N ILE B 133 -4.98 14.83 5.01
CA ILE B 133 -5.48 14.06 3.87
C ILE B 133 -6.61 14.80 3.15
N MET B 134 -7.60 15.25 3.90
CA MET B 134 -8.72 15.98 3.33
C MET B 134 -8.27 17.21 2.55
N ASN B 135 -7.25 17.90 3.07
CA ASN B 135 -6.72 19.09 2.40
C ASN B 135 -6.11 18.67 1.07
N PHE B 136 -5.29 17.63 1.11
CA PHE B 136 -4.65 17.08 -0.10
C PHE B 136 -5.69 16.80 -1.16
N MET B 137 -6.75 16.08 -0.78
CA MET B 137 -7.82 15.76 -1.71
C MET B 137 -8.63 16.99 -2.13
N GLY B 138 -8.55 18.05 -1.33
CA GLY B 138 -9.28 19.26 -1.65
C GLY B 138 -10.73 19.18 -1.22
N LEU B 139 -11.00 18.41 -0.17
CA LEU B 139 -12.35 18.24 0.36
C LEU B 139 -12.59 19.28 1.43
N PRO B 140 -13.75 19.95 1.39
CA PRO B 140 -14.12 20.99 2.36
C PRO B 140 -14.27 20.36 3.74
N VAL B 141 -13.57 20.91 4.71
CA VAL B 141 -13.61 20.38 6.08
C VAL B 141 -14.25 21.39 7.04
N GLN B 142 -15.21 20.89 7.81
CA GLN B 142 -15.87 21.70 8.81
C GLN B 142 -15.60 20.98 10.12
N THR B 143 -15.72 21.69 11.23
CA THR B 143 -15.47 21.08 12.51
C THR B 143 -16.71 21.18 13.39
N TYR B 144 -16.77 20.30 14.39
CA TYR B 144 -17.86 20.31 15.34
C TYR B 144 -17.21 20.33 16.70
N ARG B 145 -17.83 21.03 17.65
CA ARG B 145 -17.30 21.12 19.00
C ARG B 145 -17.26 19.73 19.62
N TYR B 146 -16.19 19.45 20.35
CA TYR B 146 -16.04 18.14 20.95
C TYR B 146 -15.33 18.20 22.29
N PHE B 147 -14.11 18.70 22.30
CA PHE B 147 -13.35 18.78 23.55
C PHE B 147 -13.68 20.04 24.35
N ASP B 148 -14.20 19.84 25.55
CA ASP B 148 -14.54 20.94 26.42
C ASP B 148 -13.23 21.32 27.12
N ALA B 149 -12.61 22.39 26.65
CA ALA B 149 -11.32 22.85 27.20
C ALA B 149 -11.30 23.04 28.72
N GLU B 150 -12.43 23.43 29.29
CA GLU B 150 -12.51 23.68 30.72
C GLU B 150 -12.56 22.40 31.55
N THR B 151 -13.55 21.54 31.29
CA THR B 151 -13.70 20.29 32.02
C THR B 151 -12.88 19.13 31.49
N ARG B 152 -12.15 19.36 30.39
CA ARG B 152 -11.35 18.33 29.76
C ARG B 152 -12.21 17.14 29.32
N GLY B 153 -13.51 17.37 29.25
CA GLY B 153 -14.44 16.32 28.83
C GLY B 153 -14.96 16.63 27.44
N VAL B 154 -16.17 16.18 27.15
CA VAL B 154 -16.77 16.43 25.85
C VAL B 154 -17.88 17.47 25.94
N ASP B 155 -17.82 18.45 25.04
CA ASP B 155 -18.83 19.50 24.97
C ASP B 155 -19.97 18.87 24.16
N PHE B 156 -20.69 17.94 24.77
CA PHE B 156 -21.77 17.25 24.08
C PHE B 156 -22.83 18.19 23.51
N GLU B 157 -23.18 19.24 24.26
CA GLU B 157 -24.17 20.21 23.79
C GLU B 157 -23.69 20.88 22.50
N GLY B 158 -22.43 21.30 22.49
CA GLY B 158 -21.88 21.94 21.31
C GLY B 158 -21.85 20.97 20.14
N MET B 159 -21.40 19.75 20.40
CA MET B 159 -21.31 18.71 19.39
C MET B 159 -22.65 18.44 18.73
N LYS B 160 -23.68 18.24 19.53
CA LYS B 160 -25.02 17.98 19.00
C LYS B 160 -25.53 19.15 18.17
N ALA B 161 -25.16 20.36 18.58
CA ALA B 161 -25.59 21.58 17.88
C ALA B 161 -24.98 21.69 16.49
N ASP B 162 -23.67 21.51 16.40
CA ASP B 162 -22.98 21.61 15.13
C ASP B 162 -23.36 20.47 14.19
N LEU B 163 -23.44 19.25 14.72
CA LEU B 163 -23.78 18.10 13.90
C LEU B 163 -25.17 18.21 13.29
N ALA B 164 -26.08 18.88 13.99
CA ALA B 164 -27.44 19.06 13.51
C ALA B 164 -27.49 19.89 12.24
N ALA B 165 -26.38 20.57 11.94
CA ALA B 165 -26.30 21.42 10.74
C ALA B 165 -25.79 20.69 9.50
N ALA B 166 -25.36 19.44 9.68
CA ALA B 166 -24.86 18.64 8.56
C ALA B 166 -25.98 18.32 7.58
N LYS B 167 -25.69 18.33 6.29
CA LYS B 167 -26.70 18.04 5.27
C LYS B 167 -26.60 16.59 4.80
N LYS B 168 -27.63 16.13 4.10
CA LYS B 168 -27.66 14.77 3.57
C LYS B 168 -26.51 14.68 2.58
N GLY B 169 -25.73 13.62 2.66
CA GLY B 169 -24.61 13.48 1.75
C GLY B 169 -23.31 13.92 2.37
N ASP B 170 -23.39 14.61 3.51
CA ASP B 170 -22.21 15.05 4.23
C ASP B 170 -21.66 13.86 5.01
N MET B 171 -20.37 13.91 5.32
CA MET B 171 -19.73 12.85 6.07
C MET B 171 -19.27 13.38 7.42
N VAL B 172 -19.57 12.63 8.46
CA VAL B 172 -19.18 13.00 9.80
C VAL B 172 -18.16 11.95 10.26
N LEU B 173 -16.97 12.41 10.62
CA LEU B 173 -15.92 11.49 11.06
C LEU B 173 -15.88 11.37 12.59
N LEU B 174 -16.25 10.20 13.09
CA LEU B 174 -16.26 9.93 14.52
C LEU B 174 -15.16 8.94 14.88
N HIS B 175 -14.55 9.12 16.05
CA HIS B 175 -13.53 8.21 16.52
C HIS B 175 -14.33 7.12 17.25
N GLY B 176 -14.15 5.87 16.87
CA GLY B 176 -14.88 4.79 17.53
C GLY B 176 -14.72 4.73 19.03
N CYS B 177 -13.52 5.08 19.50
CA CYS B 177 -13.20 5.08 20.92
C CYS B 177 -11.79 5.66 21.01
N CYS B 178 -11.27 5.78 22.23
CA CYS B 178 -9.91 6.28 22.48
C CYS B 178 -9.57 7.46 21.57
N HIS B 179 -10.36 8.53 21.68
CA HIS B 179 -10.22 9.75 20.89
C HIS B 179 -8.82 10.35 20.93
N ASN B 180 -8.17 10.36 19.78
CA ASN B 180 -6.83 10.93 19.59
C ASN B 180 -7.11 12.35 19.10
N PRO B 181 -6.50 13.38 19.72
CA PRO B 181 -5.55 13.47 20.83
C PRO B 181 -6.05 13.67 22.28
N THR B 182 -7.32 14.04 22.43
CA THR B 182 -7.85 14.34 23.76
C THR B 182 -7.96 13.24 24.81
N GLY B 183 -8.44 12.08 24.41
CA GLY B 183 -8.62 10.99 25.37
C GLY B 183 -10.02 11.07 25.95
N ALA B 184 -10.76 12.10 25.57
CA ALA B 184 -12.15 12.32 26.03
C ALA B 184 -13.06 11.51 25.11
N ASN B 185 -13.92 10.67 25.68
CA ASN B 185 -14.79 9.81 24.89
C ASN B 185 -16.28 9.88 25.26
N LEU B 186 -17.13 9.63 24.27
CA LEU B 186 -18.58 9.64 24.46
C LEU B 186 -19.07 8.37 25.16
N THR B 187 -20.15 8.48 25.94
CA THR B 187 -20.70 7.30 26.60
C THR B 187 -21.68 6.70 25.59
N LEU B 188 -22.20 5.52 25.88
CA LEU B 188 -23.13 4.86 24.98
C LEU B 188 -24.44 5.65 24.83
N ASP B 189 -24.81 6.38 25.88
CA ASP B 189 -26.03 7.19 25.85
C ASP B 189 -25.84 8.35 24.89
N GLN B 190 -24.66 8.96 24.94
CA GLN B 190 -24.34 10.08 24.06
C GLN B 190 -24.31 9.55 22.62
N TRP B 191 -23.81 8.33 22.45
CA TRP B 191 -23.73 7.69 21.14
C TRP B 191 -25.12 7.50 20.54
N ALA B 192 -26.08 7.13 21.38
CA ALA B 192 -27.45 6.92 20.94
C ALA B 192 -28.03 8.23 20.41
N GLU B 193 -27.77 9.32 21.14
CA GLU B 193 -28.24 10.63 20.72
C GLU B 193 -27.63 11.03 19.39
N ILE B 194 -26.31 10.84 19.25
CA ILE B 194 -25.64 11.17 18.01
C ILE B 194 -26.29 10.41 16.85
N ALA B 195 -26.64 9.14 17.09
CA ALA B 195 -27.29 8.32 16.08
C ALA B 195 -28.62 8.95 15.68
N SER B 196 -29.31 9.56 16.64
CA SER B 196 -30.58 10.22 16.38
C SER B 196 -30.35 11.37 15.41
N ILE B 197 -29.33 12.17 15.68
CA ILE B 197 -29.00 13.30 14.82
C ILE B 197 -28.65 12.85 13.40
N LEU B 198 -27.72 11.91 13.29
CA LEU B 198 -27.29 11.38 11.99
C LEU B 198 -28.43 10.88 11.14
N GLU B 199 -29.29 10.04 11.73
CA GLU B 199 -30.43 9.49 11.01
C GLU B 199 -31.31 10.61 10.46
N LYS B 200 -31.49 11.65 11.25
CA LYS B 200 -32.30 12.79 10.85
C LYS B 200 -31.65 13.67 9.78
N THR B 201 -30.34 13.78 9.82
CA THR B 201 -29.61 14.60 8.86
C THR B 201 -29.24 13.91 7.55
N GLY B 202 -29.18 12.57 7.57
CA GLY B 202 -28.81 11.84 6.38
C GLY B 202 -27.32 11.93 6.09
N ALA B 203 -26.54 12.18 7.14
CA ALA B 203 -25.08 12.29 7.03
C ALA B 203 -24.44 10.93 7.19
N LEU B 204 -23.49 10.62 6.31
CA LEU B 204 -22.77 9.36 6.32
C LEU B 204 -21.73 9.33 7.42
N PRO B 205 -21.86 8.40 8.37
CA PRO B 205 -20.90 8.30 9.47
C PRO B 205 -19.64 7.55 9.04
N LEU B 206 -18.49 8.15 9.30
CA LEU B 206 -17.21 7.54 8.99
C LEU B 206 -16.57 7.35 10.35
N ILE B 207 -16.37 6.09 10.73
CA ILE B 207 -15.79 5.77 12.02
C ILE B 207 -14.34 5.35 11.88
N ASP B 208 -13.48 6.07 12.59
CA ASP B 208 -12.05 5.81 12.61
C ASP B 208 -11.84 4.98 13.88
N LEU B 209 -11.65 3.67 13.69
CA LEU B 209 -11.44 2.75 14.79
C LEU B 209 -9.98 2.29 14.79
N ALA B 210 -9.14 2.97 15.58
CA ALA B 210 -7.72 2.62 15.61
C ALA B 210 -7.21 2.05 16.93
N TYR B 211 -8.03 2.10 17.99
CA TYR B 211 -7.60 1.62 19.28
C TYR B 211 -8.52 0.63 19.98
N GLN B 212 -9.27 -0.17 19.21
CA GLN B 212 -10.18 -1.13 19.81
C GLN B 212 -9.41 -2.07 20.76
N GLY B 213 -9.64 -1.89 22.05
CA GLY B 213 -8.96 -2.72 23.04
C GLY B 213 -8.20 -1.94 24.09
N PHE B 214 -7.87 -0.70 23.79
CA PHE B 214 -7.12 0.13 24.74
C PHE B 214 -8.01 0.95 25.66
N GLY B 215 -9.28 1.06 25.31
CA GLY B 215 -10.22 1.84 26.10
C GLY B 215 -10.78 1.10 27.30
N ASP B 216 -11.80 0.27 27.08
CA ASP B 216 -12.45 -0.48 28.14
C ASP B 216 -12.53 -1.98 27.85
N GLY B 217 -11.96 -2.42 26.74
CA GLY B 217 -12.02 -3.82 26.41
C GLY B 217 -12.41 -4.01 24.96
N LEU B 218 -12.02 -5.14 24.38
CA LEU B 218 -12.32 -5.43 22.98
C LEU B 218 -13.77 -5.20 22.57
N GLU B 219 -14.69 -5.83 23.30
CA GLU B 219 -16.12 -5.70 23.01
C GLU B 219 -16.69 -4.34 23.42
N GLU B 220 -16.23 -3.81 24.55
CA GLU B 220 -16.73 -2.53 25.03
C GLU B 220 -16.37 -1.36 24.12
N ASP B 221 -15.15 -1.37 23.60
CA ASP B 221 -14.69 -0.31 22.70
C ASP B 221 -15.41 -0.27 21.34
N ALA B 222 -15.96 -1.41 20.95
CA ALA B 222 -16.69 -1.52 19.70
C ALA B 222 -18.19 -1.22 19.90
N ALA B 223 -18.59 -1.04 21.16
CA ALA B 223 -19.99 -0.76 21.49
C ALA B 223 -20.61 0.37 20.68
N GLY B 224 -19.95 1.53 20.67
CA GLY B 224 -20.45 2.68 19.93
C GLY B 224 -20.65 2.42 18.45
N THR B 225 -19.64 1.85 17.81
CA THR B 225 -19.67 1.52 16.38
C THR B 225 -20.85 0.60 16.08
N ARG B 226 -21.08 -0.36 16.97
CA ARG B 226 -22.16 -1.31 16.79
C ARG B 226 -23.53 -0.62 16.87
N LEU B 227 -23.66 0.33 17.77
CA LEU B 227 -24.92 1.07 17.90
C LEU B 227 -25.23 1.87 16.63
N ILE B 228 -24.22 2.52 16.07
CA ILE B 228 -24.40 3.30 14.84
C ILE B 228 -24.81 2.37 13.70
N ALA B 229 -24.10 1.24 13.58
CA ALA B 229 -24.36 0.27 12.53
C ALA B 229 -25.75 -0.34 12.62
N SER B 230 -26.30 -0.40 13.83
CA SER B 230 -27.62 -0.96 14.05
C SER B 230 -28.72 0.02 13.68
N ARG B 231 -28.42 1.30 13.74
CA ARG B 231 -29.41 2.32 13.39
C ARG B 231 -29.25 2.82 11.96
N ILE B 232 -28.10 3.42 11.66
CA ILE B 232 -27.82 3.97 10.34
C ILE B 232 -27.60 2.86 9.30
N PRO B 233 -28.45 2.83 8.27
CA PRO B 233 -28.41 1.84 7.17
C PRO B 233 -27.15 1.87 6.29
N GLU B 234 -26.38 2.94 6.36
CA GLU B 234 -25.18 3.04 5.56
C GLU B 234 -24.09 3.73 6.38
N VAL B 235 -22.97 3.04 6.58
CA VAL B 235 -21.86 3.56 7.37
C VAL B 235 -20.52 2.98 6.93
N LEU B 236 -19.48 3.79 7.05
CA LEU B 236 -18.13 3.40 6.70
C LEU B 236 -17.29 3.26 7.96
N ILE B 237 -16.46 2.23 8.03
CA ILE B 237 -15.61 2.03 9.19
C ILE B 237 -14.18 1.75 8.73
N ALA B 238 -13.24 2.56 9.21
CA ALA B 238 -11.82 2.43 8.87
C ALA B 238 -11.09 1.88 10.10
N ALA B 239 -10.65 0.62 10.01
CA ALA B 239 -9.99 -0.01 11.14
C ALA B 239 -8.48 -0.17 10.98
N SER B 240 -7.78 -0.09 12.11
CA SER B 240 -6.34 -0.24 12.12
C SER B 240 -5.96 -1.39 13.04
N CYS B 241 -5.06 -2.25 12.56
CA CYS B 241 -4.58 -3.38 13.34
C CYS B 241 -3.19 -3.04 13.89
N SER B 242 -2.71 -1.84 13.57
CA SER B 242 -1.39 -1.40 13.99
C SER B 242 -1.15 -1.43 15.49
N LYS B 243 -2.07 -0.86 16.26
CA LYS B 243 -1.90 -0.80 17.70
C LYS B 243 -2.38 -2.02 18.49
N ASN B 244 -3.63 -2.46 18.28
CA ASN B 244 -4.12 -3.60 19.04
C ASN B 244 -3.46 -4.96 18.73
N PHE B 245 -2.68 -5.03 17.65
CA PHE B 245 -1.96 -6.23 17.28
C PHE B 245 -0.46 -5.98 17.34
N GLY B 246 -0.09 -4.71 17.50
CA GLY B 246 1.32 -4.35 17.57
C GLY B 246 2.10 -4.63 16.30
N ILE B 247 1.45 -4.49 15.16
CA ILE B 247 2.10 -4.73 13.87
C ILE B 247 2.15 -3.46 13.04
N TYR B 248 2.53 -2.37 13.71
CA TYR B 248 2.63 -1.04 13.13
C TYR B 248 3.28 -0.96 11.74
N ARG B 249 4.48 -1.51 11.61
CA ARG B 249 5.21 -1.49 10.34
C ARG B 249 4.69 -2.42 9.24
N GLU B 250 3.82 -3.37 9.57
CA GLU B 250 3.29 -4.29 8.57
C GLU B 250 2.30 -3.59 7.65
N ARG B 251 1.61 -2.58 8.18
CA ARG B 251 0.65 -1.80 7.42
C ARG B 251 -0.60 -2.61 7.08
N THR B 252 -1.42 -2.86 8.10
CA THR B 252 -2.63 -3.62 7.92
C THR B 252 -3.84 -3.07 8.67
N GLY B 253 -4.92 -2.92 7.92
CA GLY B 253 -6.20 -2.44 8.43
C GLY B 253 -7.21 -2.76 7.35
N CYS B 254 -8.42 -2.25 7.46
CA CYS B 254 -9.42 -2.51 6.44
C CYS B 254 -10.58 -1.54 6.49
N LEU B 255 -11.23 -1.36 5.34
CA LEU B 255 -12.38 -0.48 5.25
C LEU B 255 -13.62 -1.35 5.13
N LEU B 256 -14.60 -1.09 5.99
CA LEU B 256 -15.86 -1.82 5.96
C LEU B 256 -16.93 -0.85 5.46
N ALA B 257 -17.71 -1.29 4.48
CA ALA B 257 -18.77 -0.48 3.89
C ALA B 257 -20.12 -1.13 4.16
N LEU B 258 -20.84 -0.62 5.16
CA LEU B 258 -22.16 -1.14 5.52
C LEU B 258 -23.18 -0.47 4.61
N CYS B 259 -23.89 -1.28 3.83
CA CYS B 259 -24.87 -0.74 2.89
C CYS B 259 -26.30 -1.12 3.27
N ALA B 260 -27.27 -0.52 2.56
CA ALA B 260 -28.68 -0.77 2.85
C ALA B 260 -29.20 -2.06 2.22
N ASP B 261 -28.49 -2.58 1.23
CA ASP B 261 -28.89 -3.81 0.56
C ASP B 261 -27.76 -4.43 -0.25
N ALA B 262 -27.93 -5.70 -0.60
CA ALA B 262 -26.96 -6.46 -1.37
C ALA B 262 -26.52 -5.78 -2.67
N ALA B 263 -27.49 -5.23 -3.40
CA ALA B 263 -27.20 -4.55 -4.65
C ALA B 263 -26.12 -3.50 -4.44
N THR B 264 -26.38 -2.57 -3.51
CA THR B 264 -25.44 -1.51 -3.20
C THR B 264 -24.13 -2.10 -2.70
N ARG B 265 -24.23 -3.22 -1.98
CA ARG B 265 -23.04 -3.86 -1.44
C ARG B 265 -22.15 -4.31 -2.59
N GLU B 266 -22.75 -4.86 -3.63
CA GLU B 266 -21.98 -5.31 -4.79
C GLU B 266 -21.41 -4.10 -5.52
N LEU B 267 -22.13 -2.99 -5.47
CA LEU B 267 -21.67 -1.76 -6.11
C LEU B 267 -20.42 -1.28 -5.40
N ALA B 268 -20.54 -1.07 -4.09
CA ALA B 268 -19.46 -0.58 -3.26
C ALA B 268 -18.23 -1.46 -3.30
N GLN B 269 -18.44 -2.77 -3.18
CA GLN B 269 -17.35 -3.74 -3.20
C GLN B 269 -16.58 -3.62 -4.51
N GLY B 270 -17.30 -3.40 -5.60
CA GLY B 270 -16.66 -3.26 -6.90
C GLY B 270 -15.76 -2.04 -6.90
N ALA B 271 -16.30 -0.89 -6.50
CA ALA B 271 -15.54 0.35 -6.44
C ALA B 271 -14.35 0.28 -5.49
N MET B 272 -14.49 -0.46 -4.40
CA MET B 272 -13.41 -0.60 -3.42
C MET B 272 -12.24 -1.38 -3.99
N ALA B 273 -12.53 -2.44 -4.75
CA ALA B 273 -11.48 -3.28 -5.35
C ALA B 273 -10.76 -2.46 -6.43
N PHE B 274 -11.53 -1.76 -7.25
CA PHE B 274 -11.03 -0.91 -8.32
C PHE B 274 -10.12 0.17 -7.72
N LEU B 275 -10.50 0.67 -6.55
CA LEU B 275 -9.73 1.70 -5.84
C LEU B 275 -8.34 1.22 -5.44
N ASN B 276 -8.23 -0.06 -5.08
CA ASN B 276 -6.94 -0.63 -4.71
C ASN B 276 -6.11 -0.82 -5.97
N ARG B 277 -6.75 -1.38 -6.99
CA ARG B 277 -6.12 -1.63 -8.27
C ARG B 277 -5.43 -0.38 -8.83
N GLN B 278 -6.15 0.74 -8.84
CA GLN B 278 -5.61 1.99 -9.38
C GLN B 278 -4.60 2.69 -8.47
N THR B 279 -4.47 2.26 -7.23
CA THR B 279 -3.54 2.92 -6.31
C THR B 279 -2.22 2.19 -6.12
N TYR B 280 -2.30 0.87 -5.93
CA TYR B 280 -1.11 0.06 -5.72
C TYR B 280 -1.40 -1.40 -6.07
N SER B 281 -2.52 -1.63 -6.75
CA SER B 281 -2.93 -2.98 -7.13
C SER B 281 -3.31 -3.72 -5.85
N PHE B 282 -2.70 -4.87 -5.58
CA PHE B 282 -2.99 -5.66 -4.39
C PHE B 282 -2.52 -5.07 -3.08
N PRO B 283 -3.18 -5.43 -1.97
CA PRO B 283 -2.82 -4.94 -0.64
C PRO B 283 -1.81 -5.91 0.00
N PRO B 284 -0.90 -5.40 0.85
CA PRO B 284 0.10 -6.26 1.50
C PRO B 284 -0.50 -7.43 2.27
N PHE B 285 0.06 -8.62 2.04
CA PHE B 285 -0.41 -9.86 2.65
C PHE B 285 0.09 -10.22 4.06
N HIS B 286 1.37 -10.03 4.36
CA HIS B 286 1.93 -10.43 5.66
C HIS B 286 1.16 -10.08 6.92
N GLY B 287 0.82 -8.81 7.08
CA GLY B 287 0.12 -8.38 8.28
C GLY B 287 -1.28 -8.93 8.37
N ALA B 288 -2.01 -8.89 7.25
CA ALA B 288 -3.37 -9.38 7.21
C ALA B 288 -3.40 -10.86 7.60
N LYS B 289 -2.37 -11.59 7.17
CA LYS B 289 -2.26 -13.00 7.48
C LYS B 289 -2.05 -13.26 8.98
N ILE B 290 -1.20 -12.46 9.62
CA ILE B 290 -0.95 -12.62 11.05
C ILE B 290 -2.27 -12.41 11.81
N VAL B 291 -2.98 -11.34 11.45
CA VAL B 291 -4.24 -11.00 12.09
C VAL B 291 -5.27 -12.12 11.99
N SER B 292 -5.52 -12.63 10.79
CA SER B 292 -6.51 -13.70 10.63
C SER B 292 -6.09 -14.99 11.32
N THR B 293 -4.80 -15.29 11.27
CA THR B 293 -4.27 -16.50 11.91
C THR B 293 -4.55 -16.44 13.42
N VAL B 294 -4.30 -15.27 14.02
CA VAL B 294 -4.55 -15.08 15.44
C VAL B 294 -6.04 -15.22 15.74
N LEU B 295 -6.85 -14.47 15.00
CA LEU B 295 -8.29 -14.47 15.18
C LEU B 295 -9.03 -15.79 14.95
N THR B 296 -8.56 -16.59 14.00
CA THR B 296 -9.21 -17.85 13.68
C THR B 296 -8.67 -19.06 14.46
N THR B 297 -7.57 -18.87 15.18
CA THR B 297 -6.97 -19.93 15.97
C THR B 297 -7.26 -19.65 17.44
N PRO B 298 -8.23 -20.36 18.02
CA PRO B 298 -8.65 -20.23 19.42
C PRO B 298 -7.53 -20.04 20.44
N GLU B 299 -6.48 -20.84 20.32
CA GLU B 299 -5.33 -20.75 21.22
C GLU B 299 -4.63 -19.40 21.07
N LEU B 300 -4.47 -18.97 19.83
CA LEU B 300 -3.80 -17.70 19.52
C LEU B 300 -4.66 -16.51 19.96
N ARG B 301 -5.96 -16.57 19.68
CA ARG B 301 -6.89 -15.51 20.06
C ARG B 301 -6.95 -15.32 21.57
N ALA B 302 -7.01 -16.43 22.31
CA ALA B 302 -7.08 -16.39 23.76
C ALA B 302 -5.89 -15.67 24.39
N ASP B 303 -4.69 -15.95 23.91
CA ASP B 303 -3.50 -15.31 24.46
C ASP B 303 -3.37 -13.85 24.07
N TRP B 304 -3.85 -13.51 22.87
CA TRP B 304 -3.79 -12.14 22.39
C TRP B 304 -4.72 -11.27 23.23
N MET B 305 -5.95 -11.73 23.43
CA MET B 305 -6.91 -10.98 24.22
C MET B 305 -6.31 -10.74 25.60
N ALA B 306 -5.66 -11.76 26.15
CA ALA B 306 -5.03 -11.68 27.46
C ALA B 306 -3.95 -10.62 27.54
N GLU B 307 -3.05 -10.63 26.56
CA GLU B 307 -1.95 -9.68 26.51
C GLU B 307 -2.47 -8.25 26.32
N LEU B 308 -3.45 -8.08 25.44
CA LEU B 308 -4.05 -6.78 25.19
C LEU B 308 -4.72 -6.28 26.47
N GLU B 309 -5.32 -7.21 27.21
CA GLU B 309 -6.00 -6.90 28.48
C GLU B 309 -4.99 -6.41 29.50
N ALA B 310 -3.87 -7.11 29.60
CA ALA B 310 -2.79 -6.75 30.52
C ALA B 310 -2.27 -5.34 30.20
N VAL B 311 -2.08 -5.07 28.91
CA VAL B 311 -1.62 -3.77 28.43
C VAL B 311 -2.62 -2.68 28.84
N ARG B 312 -3.87 -2.91 28.48
CA ARG B 312 -4.98 -2.02 28.75
C ARG B 312 -5.20 -1.77 30.25
N SER B 313 -5.14 -2.83 31.05
CA SER B 313 -5.32 -2.70 32.48
C SER B 313 -4.11 -2.03 33.12
N GLY B 314 -2.93 -2.31 32.58
CA GLY B 314 -1.70 -1.72 33.07
C GLY B 314 -1.67 -0.21 32.88
N MET B 315 -2.10 0.24 31.71
CA MET B 315 -2.14 1.67 31.42
C MET B 315 -3.17 2.36 32.30
N LEU B 316 -4.27 1.66 32.57
CA LEU B 316 -5.34 2.17 33.42
C LEU B 316 -4.73 2.49 34.77
N ARG B 317 -3.86 1.60 35.25
CA ARG B 317 -3.18 1.75 36.51
C ARG B 317 -2.31 3.01 36.48
N LEU B 318 -1.57 3.19 35.39
CA LEU B 318 -0.69 4.35 35.22
C LEU B 318 -1.42 5.69 35.34
N ARG B 319 -2.60 5.79 34.73
CA ARG B 319 -3.37 7.03 34.79
C ARG B 319 -3.71 7.36 36.24
N GLU B 320 -4.18 6.36 36.97
CA GLU B 320 -4.54 6.55 38.38
C GLU B 320 -3.35 7.04 39.19
N GLN B 321 -2.18 6.44 38.96
CA GLN B 321 -0.98 6.84 39.66
C GLN B 321 -0.65 8.30 39.37
N LEU B 322 -0.56 8.63 38.10
CA LEU B 322 -0.23 10.00 37.65
C LEU B 322 -1.17 11.04 38.26
N ALA B 323 -2.46 10.77 38.21
CA ALA B 323 -3.45 11.69 38.77
C ALA B 323 -3.24 11.82 40.27
N GLY B 324 -3.03 10.68 40.92
CA GLY B 324 -2.81 10.67 42.37
C GLY B 324 -1.58 11.46 42.75
N GLU B 325 -0.49 11.23 42.02
CA GLU B 325 0.78 11.93 42.27
C GLU B 325 0.54 13.42 42.21
N LEU B 326 -0.05 13.87 41.11
CA LEU B 326 -0.36 15.28 40.93
C LEU B 326 -1.27 15.80 42.05
N ARG B 327 -2.26 15.01 42.42
CA ARG B 327 -3.18 15.40 43.49
C ARG B 327 -2.41 15.67 44.78
N ASP B 328 -1.54 14.73 45.16
CA ASP B 328 -0.75 14.89 46.37
C ASP B 328 0.21 16.05 46.25
N LEU B 329 0.48 16.48 45.02
CA LEU B 329 1.38 17.60 44.77
C LEU B 329 0.64 18.93 44.57
N SER B 330 -0.65 18.98 44.90
CA SER B 330 -1.39 20.22 44.73
C SER B 330 -2.60 20.35 45.65
N GLY B 331 -3.08 19.23 46.17
CA GLY B 331 -4.24 19.25 47.04
C GLY B 331 -5.48 19.70 46.28
N SER B 332 -5.57 19.33 45.00
CA SER B 332 -6.71 19.71 44.19
C SER B 332 -7.10 18.62 43.19
N ASP B 333 -8.41 18.48 42.96
CA ASP B 333 -8.96 17.50 42.03
C ASP B 333 -8.89 18.00 40.59
N ARG B 334 -8.02 18.98 40.34
CA ARG B 334 -7.89 19.55 39.01
C ARG B 334 -7.50 18.54 37.94
N PHE B 335 -6.45 17.75 38.22
CA PHE B 335 -5.97 16.76 37.26
C PHE B 335 -6.77 15.47 37.26
N GLY B 336 -7.94 15.50 37.87
CA GLY B 336 -8.78 14.31 37.93
C GLY B 336 -9.11 13.77 36.56
N PHE B 337 -9.19 14.66 35.58
CA PHE B 337 -9.51 14.28 34.21
C PHE B 337 -8.58 13.19 33.66
N VAL B 338 -7.37 13.11 34.18
CA VAL B 338 -6.42 12.10 33.73
C VAL B 338 -6.97 10.69 33.96
N ALA B 339 -7.55 10.46 35.13
CA ALA B 339 -8.12 9.16 35.48
C ALA B 339 -9.41 8.87 34.73
N GLU B 340 -10.12 9.92 34.32
CA GLU B 340 -11.37 9.79 33.58
C GLU B 340 -11.13 9.48 32.10
N HIS B 341 -10.11 10.10 31.53
CA HIS B 341 -9.76 9.92 30.13
C HIS B 341 -9.53 8.44 29.84
N ARG B 342 -9.81 8.04 28.61
CA ARG B 342 -9.64 6.64 28.23
C ARG B 342 -8.90 6.55 26.90
N GLY B 343 -7.94 5.65 26.83
CA GLY B 343 -7.16 5.47 25.62
C GLY B 343 -5.69 5.56 25.92
N MET B 344 -4.90 5.92 24.92
CA MET B 344 -3.46 6.01 25.08
C MET B 344 -3.00 7.43 25.37
N PHE B 345 -3.78 8.40 24.91
CA PHE B 345 -3.44 9.80 25.07
C PHE B 345 -4.31 10.51 26.08
N SER B 346 -3.92 11.74 26.38
CA SER B 346 -4.62 12.60 27.32
C SER B 346 -4.00 13.98 27.12
N ARG B 347 -4.83 15.00 26.93
CA ARG B 347 -4.31 16.35 26.76
C ARG B 347 -4.28 17.07 28.10
N LEU B 348 -3.08 17.47 28.52
CA LEU B 348 -2.88 18.13 29.79
C LEU B 348 -3.50 19.53 29.90
N GLY B 349 -3.76 20.15 28.75
CA GLY B 349 -4.33 21.48 28.77
C GLY B 349 -3.29 22.59 28.88
N ALA B 350 -2.02 22.22 28.87
CA ALA B 350 -0.93 23.20 28.95
C ALA B 350 -0.86 24.02 27.67
N THR B 351 -0.41 25.27 27.79
CA THR B 351 -0.29 26.16 26.65
C THR B 351 1.00 25.87 25.88
N PRO B 352 1.08 26.31 24.61
CA PRO B 352 2.27 26.09 23.78
C PRO B 352 3.59 26.57 24.38
N GLU B 353 3.54 27.67 25.14
CA GLU B 353 4.76 28.20 25.76
C GLU B 353 5.26 27.26 26.85
N GLN B 354 4.33 26.76 27.66
CA GLN B 354 4.64 25.86 28.76
C GLN B 354 5.24 24.55 28.27
N VAL B 355 4.54 23.87 27.35
CA VAL B 355 5.00 22.59 26.82
C VAL B 355 6.43 22.67 26.26
N LYS B 356 6.74 23.75 25.55
CA LYS B 356 8.06 23.95 24.97
C LYS B 356 9.13 24.09 26.04
N ARG B 357 8.79 24.79 27.12
CA ARG B 357 9.72 24.97 28.23
C ARG B 357 10.06 23.60 28.80
N ILE B 358 9.03 22.80 28.99
CA ILE B 358 9.16 21.45 29.54
C ILE B 358 10.12 20.58 28.72
N LYS B 359 9.93 20.53 27.40
CA LYS B 359 10.77 19.72 26.53
C LYS B 359 12.24 20.10 26.50
N GLU B 360 12.53 21.39 26.33
CA GLU B 360 13.91 21.87 26.27
C GLU B 360 14.70 21.74 27.58
N GLU B 361 14.07 22.08 28.70
CA GLU B 361 14.76 22.00 29.98
C GLU B 361 14.65 20.66 30.69
N PHE B 362 13.45 20.08 30.72
CA PHE B 362 13.22 18.81 31.37
C PHE B 362 13.55 17.59 30.52
N GLY B 363 13.67 17.78 29.22
CA GLY B 363 14.00 16.68 28.33
C GLY B 363 12.85 15.72 28.07
N ILE B 364 11.65 16.12 28.48
CA ILE B 364 10.46 15.30 28.28
C ILE B 364 9.70 15.84 27.07
N TYR B 365 9.70 15.06 25.99
CA TYR B 365 9.06 15.45 24.75
C TYR B 365 7.64 14.94 24.55
N MET B 366 6.69 15.87 24.57
CA MET B 366 5.28 15.57 24.38
C MET B 366 4.82 16.40 23.18
N VAL B 367 3.74 16.00 22.54
CA VAL B 367 3.23 16.71 21.37
C VAL B 367 2.84 18.15 21.73
N GLY B 368 3.20 19.08 20.85
CA GLY B 368 2.94 20.50 21.03
C GLY B 368 1.63 20.94 21.67
N ASP B 369 0.55 20.22 21.44
CA ASP B 369 -0.75 20.57 22.01
C ASP B 369 -0.94 19.96 23.40
N SER B 370 0.17 19.58 24.03
CA SER B 370 0.18 18.96 25.35
C SER B 370 -0.44 17.57 25.37
N ARG B 371 -0.32 16.85 24.26
CA ARG B 371 -0.85 15.49 24.20
C ARG B 371 0.25 14.55 24.69
N ILE B 372 -0.04 13.80 25.74
CA ILE B 372 0.92 12.85 26.27
C ILE B 372 0.49 11.41 26.06
N ASN B 373 1.46 10.56 25.73
CA ASN B 373 1.21 9.13 25.54
C ASN B 373 1.50 8.55 26.91
N ILE B 374 0.44 8.19 27.63
CA ILE B 374 0.59 7.65 28.98
C ILE B 374 1.41 6.37 29.02
N ALA B 375 1.49 5.67 27.89
CA ALA B 375 2.27 4.44 27.81
C ALA B 375 3.78 4.76 27.88
N GLY B 376 4.13 6.05 27.85
CA GLY B 376 5.52 6.45 27.93
C GLY B 376 5.95 6.68 29.37
N LEU B 377 4.97 6.62 30.28
CA LEU B 377 5.21 6.81 31.69
C LEU B 377 5.43 5.49 32.41
N ASN B 378 5.94 5.58 33.63
CA ASN B 378 6.19 4.43 34.48
C ASN B 378 6.44 4.99 35.87
N ASP B 379 6.50 4.11 36.87
CA ASP B 379 6.71 4.52 38.25
C ASP B 379 7.90 5.46 38.46
N ASN B 380 8.95 5.28 37.66
CA ASN B 380 10.14 6.09 37.75
C ASN B 380 9.93 7.50 37.19
N THR B 381 9.29 7.58 36.03
CA THR B 381 9.05 8.86 35.37
C THR B 381 7.81 9.65 35.78
N ILE B 382 6.82 8.98 36.34
CA ILE B 382 5.58 9.65 36.76
C ILE B 382 5.80 10.87 37.65
N PRO B 383 6.50 10.69 38.80
CA PRO B 383 6.73 11.84 39.68
C PRO B 383 7.50 12.96 39.00
N ILE B 384 8.42 12.60 38.11
CA ILE B 384 9.22 13.58 37.38
C ILE B 384 8.31 14.42 36.50
N LEU B 385 7.37 13.78 35.79
CA LEU B 385 6.43 14.49 34.93
C LEU B 385 5.55 15.37 35.81
N ALA B 386 5.03 14.79 36.89
CA ALA B 386 4.18 15.51 37.82
C ALA B 386 4.85 16.79 38.29
N ARG B 387 6.10 16.67 38.72
CA ARG B 387 6.87 17.81 39.17
C ARG B 387 7.10 18.79 38.02
N ALA B 388 7.54 18.25 36.89
CA ALA B 388 7.81 19.05 35.70
C ALA B 388 6.67 19.94 35.26
N ILE B 389 5.44 19.42 35.30
CA ILE B 389 4.28 20.23 34.93
C ILE B 389 3.84 21.12 36.08
N ILE B 390 4.09 20.67 37.31
CA ILE B 390 3.73 21.44 38.50
C ILE B 390 4.58 22.71 38.54
N GLU B 391 5.82 22.60 38.09
CA GLU B 391 6.75 23.71 38.07
C GLU B 391 6.14 24.94 37.40
N VAL B 392 5.53 24.72 36.23
CA VAL B 392 4.95 25.82 35.48
C VAL B 392 3.49 25.68 35.10
N GLY B 393 2.65 26.55 35.66
CA GLY B 393 1.23 26.55 35.36
C GLY B 393 0.49 25.29 35.70
N VAL B 394 -0.32 24.83 34.74
CA VAL B 394 -1.17 23.64 34.82
C VAL B 394 -2.30 23.71 35.84
#